data_4EN4
#
_entry.id   4EN4
#
_cell.length_a   92.749
_cell.length_b   115.221
_cell.length_c   169.554
_cell.angle_alpha   90.000
_cell.angle_beta   90.000
_cell.angle_gamma   90.000
#
_symmetry.space_group_name_H-M   'I 2 2 2'
#
loop_
_entity.id
_entity.type
_entity.pdbx_description
1 polymer 'Pyridoxal kinase'
2 non-polymer 'MAGNESIUM ION'
3 non-polymer 'SODIUM ION'
4 non-polymer "ADENOSINE-5'-TRIPHOSPHATE"
5 non-polymer 5-(hydroxymethyl)-4-(methoxymethyl)-2-methylpyridin-3-ol
6 non-polymer (4S)-2-METHYL-2,4-PENTANEDIOL
7 non-polymer 'SULFATE ION'
8 non-polymer '[5-hydroxy-4-(methoxymethyl)-6-methylpyridin-3-yl]methyl dihydrogen phosphate'
9 water water
#
_entity_poly.entity_id   1
_entity_poly.type   'polypeptide(L)'
_entity_poly.pdbx_seq_one_letter_code
;MEEECRVLSIQSHVIRGYVGNRAATFPLQVLGFEIDAVNSVQFSNHTGYAHWKGQVLNSDELQELYEGLRLNNMNKYDYV
LTGYTRDKSFLAMVVDIVQELKQQNPRLVYVCDPVLGDKWDGEGSMYVPEDLLPVYKEKVVPLADIITPNQFEAELLSGR
KIHSQEEALRVMDMLHSMGPDTVVITSSDLPSPQGSNYLIVLGSQRRRNPAGSVVMERIRMDIRKVDAVFVGTGDLFAAM
LLAWTHKHPNNLKVACEKTVSTLHHVLQRTIQCAKAQAGEGVRPSPMQLELRMVQSKRDIEDPEIVVQATVL
;
_entity_poly.pdbx_strand_id   A,B
#
loop_
_chem_comp.id
_chem_comp.type
_chem_comp.name
_chem_comp.formula
ATP non-polymer ADENOSINE-5'-TRIPHOSPHATE 'C10 H16 N5 O13 P3'
GT0 non-polymer 5-(hydroxymethyl)-4-(methoxymethyl)-2-methylpyridin-3-ol 'C9 H13 N O3'
GT1 non-polymer '[5-hydroxy-4-(methoxymethyl)-6-methylpyridin-3-yl]methyl dihydrogen phosphate' 'C9 H14 N O6 P'
MG non-polymer 'MAGNESIUM ION' 'Mg 2'
MPD non-polymer (4S)-2-METHYL-2,4-PENTANEDIOL 'C6 H14 O2'
NA non-polymer 'SODIUM ION' 'Na 1'
SO4 non-polymer 'SULFATE ION' 'O4 S -2'
#
# COMPACT_ATOMS: atom_id res chain seq x y z
N GLU A 3 -6.23 18.94 -3.53
CA GLU A 3 -6.03 19.41 -4.94
C GLU A 3 -5.07 18.45 -5.66
N GLU A 4 -5.47 17.18 -5.56
CA GLU A 4 -4.81 15.97 -6.07
C GLU A 4 -4.13 15.74 -7.42
N CYS A 5 -3.07 14.93 -7.33
CA CYS A 5 -2.29 14.46 -8.47
C CYS A 5 -2.49 12.95 -8.35
N ARG A 6 -3.32 12.40 -9.20
CA ARG A 6 -3.64 10.99 -9.17
C ARG A 6 -2.75 10.17 -10.08
N VAL A 7 -2.30 9.05 -9.56
CA VAL A 7 -1.44 8.15 -10.31
C VAL A 7 -2.08 6.77 -10.34
N LEU A 8 -2.07 6.14 -11.52
CA LEU A 8 -2.61 4.79 -11.66
C LEU A 8 -1.42 3.86 -11.92
N SER A 9 -1.04 3.09 -10.91
CA SER A 9 0.08 2.19 -11.06
C SER A 9 -0.36 0.74 -11.22
N ILE A 10 0.02 0.15 -12.34
CA ILE A 10 -0.34 -1.21 -12.67
C ILE A 10 0.90 -2.10 -12.66
N GLN A 11 1.17 -2.69 -11.49
CA GLN A 11 2.34 -3.55 -11.33
C GLN A 11 1.98 -4.68 -10.37
N SER A 12 2.96 -5.55 -10.16
CA SER A 12 2.80 -6.70 -9.31
C SER A 12 2.69 -6.35 -7.83
N HIS A 13 2.09 -7.28 -7.09
CA HIS A 13 1.94 -7.14 -5.65
C HIS A 13 2.51 -8.41 -5.01
N VAL A 14 3.21 -8.23 -3.90
CA VAL A 14 3.76 -9.34 -3.14
C VAL A 14 3.28 -9.12 -1.71
N ILE A 15 3.12 -10.22 -0.97
CA ILE A 15 2.69 -10.16 0.41
C ILE A 15 3.90 -9.74 1.25
N ARG A 16 5.00 -10.46 1.08
CA ARG A 16 6.22 -10.16 1.79
C ARG A 16 7.20 -9.44 0.87
N GLY A 17 7.85 -8.37 1.36
CA GLY A 17 8.86 -7.68 0.56
C GLY A 17 8.45 -6.47 -0.28
N TYR A 18 9.42 -5.90 -1.00
CA TYR A 18 9.10 -4.74 -1.82
C TYR A 18 9.48 -4.75 -3.31
N VAL A 19 8.53 -5.15 -4.16
CA VAL A 19 8.72 -5.10 -5.62
C VAL A 19 7.42 -4.61 -6.21
N GLY A 20 7.44 -4.23 -7.49
CA GLY A 20 6.23 -3.72 -8.12
C GLY A 20 5.52 -2.61 -7.35
N ASN A 21 4.21 -2.77 -7.16
CA ASN A 21 3.41 -1.78 -6.46
C ASN A 21 3.84 -1.61 -5.00
N ARG A 22 4.47 -2.65 -4.45
CA ARG A 22 4.96 -2.60 -3.08
C ARG A 22 6.13 -1.63 -2.95
N ALA A 23 6.96 -1.53 -3.99
CA ALA A 23 8.08 -0.59 -3.94
C ALA A 23 7.61 0.81 -4.34
N ALA A 24 6.54 0.88 -5.12
CA ALA A 24 6.08 2.16 -5.62
C ALA A 24 5.02 2.91 -4.84
N THR A 25 4.11 2.20 -4.18
CA THR A 25 3.03 2.84 -3.47
C THR A 25 3.38 3.68 -2.25
N PHE A 26 3.99 3.06 -1.24
CA PHE A 26 4.36 3.77 -0.02
C PHE A 26 5.11 5.06 -0.29
N PRO A 27 6.22 5.00 -1.05
CA PRO A 27 7.00 6.21 -1.35
C PRO A 27 6.19 7.28 -2.06
N LEU A 28 5.28 6.88 -2.95
CA LEU A 28 4.44 7.86 -3.65
C LEU A 28 3.41 8.42 -2.68
N GLN A 29 2.84 7.57 -1.82
CA GLN A 29 1.87 8.03 -0.82
C GLN A 29 2.52 9.04 0.14
N VAL A 30 3.71 8.69 0.62
CA VAL A 30 4.52 9.50 1.52
C VAL A 30 4.80 10.87 0.89
N LEU A 31 4.96 10.88 -0.43
CA LEU A 31 5.24 12.13 -1.14
C LEU A 31 3.99 12.90 -1.50
N GLY A 32 2.84 12.44 -1.00
CA GLY A 32 1.59 13.13 -1.25
C GLY A 32 0.76 12.83 -2.48
N PHE A 33 1.11 11.81 -3.25
CA PHE A 33 0.33 11.49 -4.43
C PHE A 33 -0.84 10.53 -4.14
N GLU A 34 -1.97 10.75 -4.81
CA GLU A 34 -3.13 9.88 -4.70
C GLU A 34 -2.88 8.72 -5.67
N ILE A 35 -2.06 7.78 -5.26
CA ILE A 35 -1.78 6.65 -6.12
C ILE A 35 -2.73 5.48 -5.89
N ASP A 36 -3.31 4.99 -6.99
CA ASP A 36 -4.23 3.85 -6.98
C ASP A 36 -3.50 2.66 -7.59
N ALA A 37 -3.46 1.56 -6.84
CA ALA A 37 -2.75 0.35 -7.26
C ALA A 37 -3.56 -0.77 -7.87
N VAL A 38 -3.25 -1.09 -9.12
CA VAL A 38 -3.93 -2.21 -9.77
C VAL A 38 -2.86 -3.27 -9.65
N ASN A 39 -3.16 -4.37 -8.97
CA ASN A 39 -2.15 -5.41 -8.76
C ASN A 39 -2.25 -6.44 -9.86
N SER A 40 -1.39 -6.30 -10.86
CA SER A 40 -1.38 -7.21 -12.01
C SER A 40 -1.18 -8.65 -11.60
N VAL A 41 -0.65 -8.85 -10.39
CA VAL A 41 -0.47 -10.18 -9.80
C VAL A 41 -0.38 -10.01 -8.28
N GLN A 42 -0.59 -11.11 -7.59
CA GLN A 42 -0.49 -11.14 -6.15
C GLN A 42 0.28 -12.42 -5.82
N PHE A 43 1.53 -12.26 -5.41
CA PHE A 43 2.36 -13.39 -5.03
C PHE A 43 2.81 -13.26 -3.59
N SER A 44 3.23 -14.38 -3.02
CA SER A 44 3.71 -14.40 -1.65
C SER A 44 5.00 -13.58 -1.50
N ASN A 45 5.84 -13.63 -2.53
CA ASN A 45 7.12 -12.92 -2.51
C ASN A 45 7.63 -12.87 -3.94
N HIS A 46 8.68 -12.09 -4.20
CA HIS A 46 9.20 -12.01 -5.57
C HIS A 46 9.85 -13.31 -6.06
N THR A 47 9.99 -13.44 -7.38
CA THR A 47 10.54 -14.64 -8.00
C THR A 47 12.05 -14.83 -7.82
N GLY A 48 12.65 -14.03 -6.94
CA GLY A 48 14.07 -14.16 -6.67
C GLY A 48 14.31 -15.15 -5.53
N TYR A 49 13.22 -15.62 -4.91
CA TYR A 49 13.30 -16.59 -3.82
C TYR A 49 13.30 -18.03 -4.30
N ALA A 50 13.66 -18.95 -3.42
CA ALA A 50 13.68 -20.36 -3.78
C ALA A 50 12.26 -20.80 -4.08
N HIS A 51 11.29 -20.10 -3.48
CA HIS A 51 9.89 -20.45 -3.68
C HIS A 51 9.00 -19.22 -3.85
N TRP A 52 7.84 -19.42 -4.45
CA TRP A 52 6.85 -18.36 -4.61
C TRP A 52 5.55 -18.92 -5.19
N LYS A 53 4.43 -18.56 -4.57
CA LYS A 53 3.13 -19.00 -5.03
C LYS A 53 2.30 -17.75 -5.17
N GLY A 54 1.23 -17.82 -5.96
CA GLY A 54 0.39 -16.66 -6.14
C GLY A 54 -0.44 -16.79 -7.39
N GLN A 55 -1.31 -15.81 -7.65
CA GLN A 55 -2.15 -15.83 -8.84
C GLN A 55 -2.03 -14.55 -9.67
N VAL A 56 -2.31 -14.66 -10.97
CA VAL A 56 -2.21 -13.51 -11.86
C VAL A 56 -3.57 -12.95 -12.21
N LEU A 57 -3.56 -11.71 -12.69
CA LEU A 57 -4.75 -11.00 -13.10
C LEU A 57 -4.81 -11.07 -14.63
N ASN A 58 -5.89 -11.59 -15.20
CA ASN A 58 -5.96 -11.67 -16.65
C ASN A 58 -6.49 -10.36 -17.26
N SER A 59 -6.29 -10.21 -18.57
CA SER A 59 -6.71 -8.99 -19.27
C SER A 59 -8.19 -8.68 -19.15
N ASP A 60 -9.02 -9.71 -18.99
CA ASP A 60 -10.47 -9.47 -18.86
C ASP A 60 -10.73 -8.79 -17.53
N GLU A 61 -10.10 -9.31 -16.48
CA GLU A 61 -10.26 -8.77 -15.14
C GLU A 61 -9.76 -7.34 -15.05
N LEU A 62 -8.63 -7.08 -15.70
CA LEU A 62 -8.07 -5.73 -15.71
C LEU A 62 -9.12 -4.81 -16.33
N GLN A 63 -9.69 -5.25 -17.44
CA GLN A 63 -10.72 -4.45 -18.12
C GLN A 63 -11.93 -4.29 -17.21
N GLU A 64 -12.30 -5.39 -16.56
CA GLU A 64 -13.44 -5.36 -15.65
C GLU A 64 -13.26 -4.24 -14.62
N LEU A 65 -12.11 -4.26 -13.94
CA LEU A 65 -11.79 -3.26 -12.93
C LEU A 65 -11.84 -1.86 -13.53
N TYR A 66 -11.28 -1.71 -14.73
CA TYR A 66 -11.28 -0.42 -15.40
C TYR A 66 -12.71 0.08 -15.62
N GLU A 67 -13.63 -0.84 -15.96
CA GLU A 67 -15.02 -0.48 -16.18
C GLU A 67 -15.68 0.06 -14.90
N GLY A 68 -15.28 -0.49 -13.77
CA GLY A 68 -15.81 -0.02 -12.50
C GLY A 68 -15.43 1.44 -12.32
N LEU A 69 -14.17 1.76 -12.60
CA LEU A 69 -13.67 3.13 -12.47
C LEU A 69 -14.38 4.07 -13.43
N ARG A 70 -14.55 3.62 -14.67
CA ARG A 70 -15.21 4.40 -15.70
C ARG A 70 -16.67 4.62 -15.34
N LEU A 71 -17.37 3.55 -14.98
CA LEU A 71 -18.79 3.68 -14.61
C LEU A 71 -19.01 4.76 -13.54
N ASN A 72 -18.00 4.98 -12.69
CA ASN A 72 -18.08 5.97 -11.63
C ASN A 72 -17.46 7.32 -12.01
N ASN A 73 -16.90 7.40 -13.21
CA ASN A 73 -16.26 8.64 -13.64
C ASN A 73 -14.96 8.84 -12.87
N MET A 74 -14.30 7.74 -12.53
CA MET A 74 -13.06 7.80 -11.79
C MET A 74 -11.95 7.41 -12.76
N ASN A 75 -12.07 7.87 -13.99
CA ASN A 75 -11.10 7.55 -15.02
C ASN A 75 -10.33 8.81 -15.45
N LYS A 76 -10.04 9.66 -14.48
CA LYS A 76 -9.33 10.90 -14.71
C LYS A 76 -8.01 10.93 -13.92
N TYR A 77 -6.93 10.51 -14.57
CA TYR A 77 -5.63 10.47 -13.91
C TYR A 77 -4.64 11.47 -14.49
N ASP A 78 -3.67 11.85 -13.67
CA ASP A 78 -2.66 12.81 -14.11
C ASP A 78 -1.43 12.06 -14.62
N TYR A 79 -1.27 10.82 -14.12
CA TYR A 79 -0.15 9.95 -14.49
C TYR A 79 -0.56 8.50 -14.46
N VAL A 80 0.17 7.70 -15.24
CA VAL A 80 -0.04 6.27 -15.29
C VAL A 80 1.38 5.72 -15.15
N LEU A 81 1.52 4.67 -14.35
CA LEU A 81 2.82 4.06 -14.12
C LEU A 81 2.77 2.56 -14.33
N THR A 82 3.56 2.05 -15.27
CA THR A 82 3.54 0.59 -15.49
C THR A 82 4.96 0.00 -15.46
N GLY A 83 5.05 -1.29 -15.17
CA GLY A 83 6.34 -1.94 -15.10
C GLY A 83 6.31 -3.37 -15.63
N TYR A 84 6.85 -4.31 -14.88
CA TYR A 84 6.87 -5.70 -15.30
C TYR A 84 5.52 -6.37 -15.59
N THR A 85 5.39 -6.83 -16.82
CA THR A 85 4.19 -7.53 -17.30
C THR A 85 4.71 -8.76 -18.06
N ARG A 86 4.14 -9.93 -17.81
CA ARG A 86 4.61 -11.11 -18.53
C ARG A 86 3.73 -11.47 -19.72
N ASP A 87 2.44 -11.16 -19.61
CA ASP A 87 1.50 -11.48 -20.67
C ASP A 87 1.33 -10.36 -21.68
N LYS A 88 1.29 -10.77 -22.95
CA LYS A 88 1.13 -9.89 -24.10
C LYS A 88 -0.30 -9.33 -24.18
N SER A 89 -1.25 -10.17 -23.82
CA SER A 89 -2.64 -9.79 -23.81
C SER A 89 -2.88 -8.68 -22.76
N PHE A 90 -2.26 -8.85 -21.60
CA PHE A 90 -2.37 -7.90 -20.50
C PHE A 90 -1.83 -6.55 -20.94
N LEU A 91 -0.64 -6.56 -21.53
CA LEU A 91 0.00 -5.32 -21.99
C LEU A 91 -0.82 -4.60 -23.06
N ALA A 92 -1.46 -5.36 -23.95
CA ALA A 92 -2.28 -4.78 -25.00
C ALA A 92 -3.42 -4.04 -24.33
N MET A 93 -4.08 -4.74 -23.41
CA MET A 93 -5.19 -4.17 -22.67
C MET A 93 -4.73 -2.89 -21.98
N VAL A 94 -3.51 -2.91 -21.43
CA VAL A 94 -2.95 -1.73 -20.75
C VAL A 94 -2.83 -0.54 -21.72
N VAL A 95 -2.34 -0.81 -22.93
CA VAL A 95 -2.19 0.22 -23.95
C VAL A 95 -3.55 0.84 -24.24
N ASP A 96 -4.57 -0.01 -24.37
CA ASP A 96 -5.93 0.50 -24.65
C ASP A 96 -6.43 1.38 -23.51
N ILE A 97 -6.13 0.97 -22.28
CA ILE A 97 -6.53 1.73 -21.10
C ILE A 97 -5.84 3.08 -21.10
N VAL A 98 -4.53 3.10 -21.34
CA VAL A 98 -3.77 4.35 -21.36
C VAL A 98 -4.26 5.29 -22.47
N GLN A 99 -4.53 4.72 -23.64
CA GLN A 99 -5.05 5.49 -24.77
C GLN A 99 -6.30 6.24 -24.32
N GLU A 100 -7.26 5.51 -23.75
CA GLU A 100 -8.48 6.14 -23.29
C GLU A 100 -8.24 7.16 -22.19
N LEU A 101 -7.40 6.80 -21.21
CA LEU A 101 -7.10 7.73 -20.14
C LEU A 101 -6.49 9.00 -20.72
N LYS A 102 -5.73 8.85 -21.80
CA LYS A 102 -5.13 10.01 -22.44
C LYS A 102 -6.23 10.82 -23.14
N GLN A 103 -7.22 10.12 -23.69
CA GLN A 103 -8.36 10.76 -24.35
C GLN A 103 -9.13 11.56 -23.33
N GLN A 104 -9.31 10.97 -22.16
CA GLN A 104 -10.03 11.62 -21.07
C GLN A 104 -9.28 12.84 -20.55
N ASN A 105 -7.95 12.74 -20.52
CA ASN A 105 -7.09 13.84 -20.07
C ASN A 105 -5.87 13.91 -20.96
N PRO A 106 -5.85 14.89 -21.87
CA PRO A 106 -4.73 15.09 -22.79
C PRO A 106 -3.43 15.44 -22.09
N ARG A 107 -3.53 15.82 -20.82
CA ARG A 107 -2.33 16.19 -20.08
C ARG A 107 -1.72 15.08 -19.24
N LEU A 108 -2.30 13.88 -19.32
CA LEU A 108 -1.80 12.74 -18.58
C LEU A 108 -0.38 12.37 -19.00
N VAL A 109 0.42 12.00 -18.01
CA VAL A 109 1.80 11.60 -18.25
C VAL A 109 1.97 10.12 -17.99
N TYR A 110 2.28 9.38 -19.04
CA TYR A 110 2.48 7.94 -18.95
C TYR A 110 3.95 7.59 -18.69
N VAL A 111 4.26 7.12 -17.47
CA VAL A 111 5.62 6.71 -17.12
C VAL A 111 5.73 5.20 -17.30
N CYS A 112 6.50 4.80 -18.31
CA CYS A 112 6.67 3.40 -18.65
C CYS A 112 8.08 2.86 -18.36
N ASP A 113 8.13 1.78 -17.62
CA ASP A 113 9.39 1.13 -17.35
C ASP A 113 9.15 -0.13 -18.19
N PRO A 114 9.81 -0.21 -19.36
CA PRO A 114 9.70 -1.34 -20.28
C PRO A 114 10.55 -2.50 -19.81
N VAL A 115 10.08 -3.21 -18.80
CA VAL A 115 10.85 -4.31 -18.26
C VAL A 115 10.94 -5.43 -19.29
N LEU A 116 12.16 -5.82 -19.65
CA LEU A 116 12.38 -6.88 -20.64
C LEU A 116 13.46 -7.86 -20.21
N GLY A 117 14.47 -7.36 -19.52
CA GLY A 117 15.55 -8.22 -19.11
C GLY A 117 16.67 -7.40 -18.51
N ASP A 118 17.84 -8.00 -18.37
CA ASP A 118 18.96 -7.32 -17.78
C ASP A 118 20.23 -8.04 -18.19
N LYS A 119 21.36 -7.53 -17.71
CA LYS A 119 22.61 -8.20 -18.04
C LYS A 119 23.39 -8.57 -16.82
N TRP A 120 23.87 -9.81 -16.81
CA TRP A 120 24.71 -10.18 -15.67
C TRP A 120 26.09 -10.30 -16.31
N ASP A 121 26.98 -9.45 -15.77
CA ASP A 121 28.39 -9.29 -16.17
C ASP A 121 28.60 -9.60 -17.67
N GLY A 122 28.27 -8.61 -18.47
CA GLY A 122 28.45 -8.74 -19.91
C GLY A 122 27.25 -9.11 -20.75
N GLU A 123 26.84 -10.38 -20.75
CA GLU A 123 25.72 -10.78 -21.59
C GLU A 123 24.32 -10.57 -21.05
N GLY A 124 23.48 -10.08 -21.97
CA GLY A 124 22.10 -9.76 -21.67
C GLY A 124 21.22 -10.99 -21.71
N SER A 125 20.00 -10.77 -21.28
CA SER A 125 19.09 -11.88 -21.24
C SER A 125 17.72 -11.36 -20.92
N MET A 126 16.76 -11.87 -21.69
CA MET A 126 15.40 -11.44 -21.49
C MET A 126 14.72 -12.24 -20.46
N TYR A 127 13.85 -11.60 -19.72
CA TYR A 127 13.14 -12.49 -18.84
C TYR A 127 11.66 -12.25 -18.81
N VAL A 128 11.12 -12.24 -20.02
CA VAL A 128 9.70 -12.10 -20.22
C VAL A 128 9.56 -12.54 -21.65
N PRO A 129 8.36 -12.97 -22.02
CA PRO A 129 8.09 -13.44 -23.38
C PRO A 129 8.70 -12.54 -24.47
N GLU A 130 9.37 -13.17 -25.41
CA GLU A 130 10.00 -12.43 -26.49
C GLU A 130 8.99 -11.70 -27.37
N ASP A 131 7.77 -12.23 -27.45
CA ASP A 131 6.72 -11.61 -28.27
C ASP A 131 6.24 -10.29 -27.66
N LEU A 132 6.92 -9.83 -26.62
CA LEU A 132 6.57 -8.58 -25.95
C LEU A 132 7.34 -7.41 -26.52
N LEU A 133 8.53 -7.69 -27.06
CA LEU A 133 9.35 -6.63 -27.60
C LEU A 133 8.65 -5.81 -28.70
N PRO A 134 7.93 -6.47 -29.63
CA PRO A 134 7.27 -5.71 -30.70
C PRO A 134 6.17 -4.83 -30.14
N VAL A 135 5.35 -5.43 -29.27
CA VAL A 135 4.27 -4.70 -28.63
C VAL A 135 4.82 -3.45 -27.97
N TYR A 136 5.94 -3.60 -27.27
CA TYR A 136 6.58 -2.47 -26.59
C TYR A 136 7.08 -1.43 -27.58
N LYS A 137 7.80 -1.89 -28.61
CA LYS A 137 8.32 -0.99 -29.63
C LYS A 137 7.22 -0.28 -30.42
N GLU A 138 6.21 -1.03 -30.81
CA GLU A 138 5.16 -0.47 -31.64
C GLU A 138 4.03 0.21 -30.92
N LYS A 139 3.50 -0.42 -29.89
CA LYS A 139 2.37 0.22 -29.22
C LYS A 139 2.67 0.95 -27.93
N VAL A 140 3.42 0.29 -27.05
CA VAL A 140 3.76 0.86 -25.75
C VAL A 140 4.61 2.13 -25.70
N VAL A 141 5.86 2.02 -26.14
CA VAL A 141 6.79 3.16 -26.10
C VAL A 141 6.27 4.39 -26.84
N PRO A 142 5.57 4.20 -27.98
CA PRO A 142 5.05 5.36 -28.70
C PRO A 142 4.08 6.18 -27.84
N LEU A 143 3.39 5.50 -26.94
CA LEU A 143 2.45 6.18 -26.04
C LEU A 143 3.11 6.85 -24.85
N ALA A 144 4.19 6.25 -24.36
CA ALA A 144 4.92 6.75 -23.20
C ALA A 144 5.53 8.14 -23.31
N ASP A 145 5.48 8.87 -22.20
CA ASP A 145 6.03 10.22 -22.13
C ASP A 145 7.38 10.21 -21.42
N ILE A 146 7.57 9.21 -20.57
CA ILE A 146 8.81 9.06 -19.80
C ILE A 146 9.13 7.58 -19.71
N ILE A 147 10.24 7.14 -20.27
CA ILE A 147 10.59 5.73 -20.17
C ILE A 147 11.88 5.65 -19.39
N THR A 148 12.15 4.48 -18.84
CA THR A 148 13.34 4.33 -18.03
C THR A 148 13.86 2.92 -18.13
N PRO A 149 14.50 2.56 -19.25
CA PRO A 149 15.03 1.20 -19.38
C PRO A 149 16.45 1.13 -18.83
N ASN A 150 16.90 -0.07 -18.51
CA ASN A 150 18.27 -0.25 -18.08
C ASN A 150 19.05 -0.28 -19.41
N GLN A 151 20.37 -0.44 -19.38
CA GLN A 151 21.13 -0.46 -20.64
C GLN A 151 20.59 -1.47 -21.67
N PHE A 152 20.44 -2.72 -21.24
CA PHE A 152 19.98 -3.80 -22.10
C PHE A 152 18.61 -3.58 -22.76
N GLU A 153 17.65 -3.05 -22.02
CA GLU A 153 16.33 -2.82 -22.60
C GLU A 153 16.41 -1.74 -23.68
N ALA A 154 17.18 -0.69 -23.40
CA ALA A 154 17.31 0.38 -24.39
C ALA A 154 17.94 -0.21 -25.66
N GLU A 155 18.82 -1.17 -25.48
CA GLU A 155 19.46 -1.81 -26.62
C GLU A 155 18.42 -2.52 -27.44
N LEU A 156 17.69 -3.43 -26.79
CA LEU A 156 16.62 -4.18 -27.43
C LEU A 156 15.61 -3.28 -28.11
N LEU A 157 15.18 -2.26 -27.39
CA LEU A 157 14.18 -1.35 -27.93
C LEU A 157 14.62 -0.65 -29.20
N SER A 158 15.91 -0.36 -29.30
CA SER A 158 16.40 0.36 -30.48
C SER A 158 17.01 -0.52 -31.56
N GLY A 159 17.54 -1.68 -31.14
CA GLY A 159 18.17 -2.61 -32.08
C GLY A 159 19.62 -2.17 -32.22
N ARG A 160 20.05 -1.29 -31.31
CA ARG A 160 21.41 -0.79 -31.46
C ARG A 160 22.18 -0.97 -30.18
N LYS A 161 23.28 -1.70 -30.31
CA LYS A 161 24.17 -1.98 -29.16
C LYS A 161 24.89 -0.80 -28.58
N ILE A 162 24.93 -0.71 -27.26
CA ILE A 162 25.62 0.43 -26.63
C ILE A 162 27.00 0.11 -26.04
N HIS A 163 28.06 0.71 -26.58
CA HIS A 163 29.42 0.45 -26.09
C HIS A 163 30.01 1.64 -25.34
N SER A 164 29.35 2.79 -25.42
CA SER A 164 29.86 3.97 -24.75
C SER A 164 28.79 5.02 -24.49
N GLN A 165 29.17 6.06 -23.76
CA GLN A 165 28.27 7.15 -23.44
C GLN A 165 27.64 7.76 -24.69
N GLU A 166 28.45 8.14 -25.66
CA GLU A 166 27.90 8.75 -26.86
C GLU A 166 27.01 7.81 -27.69
N GLU A 167 27.21 6.50 -27.62
CA GLU A 167 26.32 5.59 -28.35
C GLU A 167 25.02 5.49 -27.58
N ALA A 168 25.12 5.63 -26.25
CA ALA A 168 23.96 5.58 -25.37
C ALA A 168 23.12 6.81 -25.67
N LEU A 169 23.78 7.96 -25.82
CA LEU A 169 23.03 9.17 -26.11
C LEU A 169 22.43 9.11 -27.51
N ARG A 170 23.05 8.35 -28.41
CA ARG A 170 22.51 8.25 -29.75
C ARG A 170 21.28 7.35 -29.70
N VAL A 171 21.36 6.27 -28.93
CA VAL A 171 20.23 5.36 -28.79
C VAL A 171 19.07 6.07 -28.08
N MET A 172 19.38 6.94 -27.13
CA MET A 172 18.34 7.65 -26.41
C MET A 172 17.62 8.63 -27.34
N ASP A 173 18.37 9.17 -28.28
CA ASP A 173 17.81 10.11 -29.24
C ASP A 173 16.88 9.40 -30.18
N MET A 174 17.15 8.11 -30.38
CA MET A 174 16.33 7.24 -31.22
C MET A 174 14.99 6.98 -30.49
N LEU A 175 15.06 6.70 -29.18
CA LEU A 175 13.88 6.45 -28.36
C LEU A 175 13.01 7.69 -28.28
N HIS A 176 13.63 8.86 -28.20
CA HIS A 176 12.85 10.09 -28.17
C HIS A 176 11.99 10.15 -29.44
N SER A 177 12.61 9.83 -30.57
CA SER A 177 11.93 9.88 -31.85
C SER A 177 10.80 8.87 -31.87
N MET A 178 10.89 7.85 -31.01
CA MET A 178 9.82 6.86 -30.96
C MET A 178 8.64 7.42 -30.19
N GLY A 179 8.83 8.59 -29.57
CA GLY A 179 7.74 9.20 -28.83
C GLY A 179 8.09 9.90 -27.52
N PRO A 180 8.56 9.17 -26.49
CA PRO A 180 8.89 9.78 -25.19
C PRO A 180 9.83 10.97 -25.18
N ASP A 181 9.44 12.00 -24.44
CA ASP A 181 10.26 13.22 -24.32
C ASP A 181 11.31 13.11 -23.22
N THR A 182 11.19 12.09 -22.40
CA THR A 182 12.13 11.90 -21.32
C THR A 182 12.56 10.46 -21.37
N VAL A 183 13.87 10.27 -21.49
CA VAL A 183 14.42 8.95 -21.51
C VAL A 183 15.53 8.89 -20.45
N VAL A 184 15.42 7.91 -19.56
CA VAL A 184 16.44 7.76 -18.55
C VAL A 184 16.92 6.31 -18.53
N ILE A 185 18.21 6.13 -18.76
CA ILE A 185 18.81 4.81 -18.71
C ILE A 185 19.18 4.66 -17.23
N THR A 186 18.50 3.74 -16.55
CA THR A 186 18.66 3.55 -15.12
C THR A 186 19.89 2.80 -14.61
N SER A 187 20.61 2.16 -15.51
CA SER A 187 21.83 1.48 -15.12
C SER A 187 22.54 1.00 -16.38
N SER A 188 23.87 1.00 -16.34
CA SER A 188 24.66 0.56 -17.49
C SER A 188 26.07 0.10 -17.10
N ASP A 189 26.70 -0.62 -18.03
CA ASP A 189 28.05 -1.15 -17.87
C ASP A 189 29.08 -0.08 -18.20
N LEU A 190 28.65 1.05 -18.73
CA LEU A 190 29.59 2.07 -19.11
C LEU A 190 30.70 2.30 -18.08
N PRO A 191 31.93 2.55 -18.57
CA PRO A 191 33.13 2.79 -17.76
C PRO A 191 33.03 4.13 -17.04
N SER A 192 33.60 4.22 -15.85
CA SER A 192 33.57 5.44 -15.07
C SER A 192 34.97 5.86 -14.64
N PRO A 193 35.27 7.17 -14.68
CA PRO A 193 36.62 7.60 -14.26
C PRO A 193 36.77 7.54 -12.74
N GLN A 194 35.72 7.04 -12.06
CA GLN A 194 35.68 6.88 -10.60
C GLN A 194 36.31 5.57 -10.14
N GLY A 195 36.33 4.58 -11.02
CA GLY A 195 36.90 3.29 -10.66
C GLY A 195 36.00 2.24 -11.22
N SER A 196 36.35 0.97 -11.10
CA SER A 196 35.46 -0.06 -11.64
C SER A 196 34.16 -0.20 -10.85
N ASN A 197 34.21 0.09 -9.55
CA ASN A 197 33.03 -0.04 -8.67
C ASN A 197 31.92 1.00 -8.88
N TYR A 198 31.59 1.29 -10.13
CA TYR A 198 30.54 2.28 -10.41
C TYR A 198 29.67 1.89 -11.60
N LEU A 199 28.37 2.15 -11.49
CA LEU A 199 27.44 1.87 -12.58
C LEU A 199 27.06 3.24 -13.08
N ILE A 200 26.58 3.35 -14.33
CA ILE A 200 26.26 4.67 -14.89
C ILE A 200 24.79 4.87 -15.25
N VAL A 201 24.27 6.04 -14.87
CA VAL A 201 22.90 6.43 -15.16
C VAL A 201 22.97 7.63 -16.12
N LEU A 202 22.15 7.61 -17.15
CA LEU A 202 22.11 8.68 -18.14
C LEU A 202 20.67 9.13 -18.39
N GLY A 203 20.48 10.45 -18.39
CA GLY A 203 19.15 11.00 -18.60
C GLY A 203 19.09 11.99 -19.76
N SER A 204 17.96 11.96 -20.48
CA SER A 204 17.77 12.84 -21.63
C SER A 204 16.31 13.33 -21.66
N GLN A 205 16.13 14.64 -21.74
CA GLN A 205 14.80 15.24 -21.75
C GLN A 205 14.62 16.25 -22.88
N ARG A 206 13.66 15.95 -23.75
CA ARG A 206 13.32 16.77 -24.92
C ARG A 206 12.19 17.68 -24.49
N ARG A 207 12.42 18.99 -24.46
CA ARG A 207 11.35 19.91 -24.06
C ARG A 207 11.30 21.26 -24.79
N ARG A 208 10.22 21.98 -24.55
CA ARG A 208 9.98 23.27 -25.18
C ARG A 208 10.17 24.42 -24.19
N ASN A 209 10.87 25.47 -24.61
CA ASN A 209 11.11 26.61 -23.73
C ASN A 209 10.13 27.73 -24.04
N PRO A 210 9.88 28.64 -23.07
CA PRO A 210 8.96 29.77 -23.22
C PRO A 210 8.92 30.34 -24.63
N ALA A 211 10.05 30.87 -25.10
CA ALA A 211 10.15 31.46 -26.44
C ALA A 211 9.47 30.57 -27.49
N GLY A 212 9.59 29.25 -27.30
CA GLY A 212 8.96 28.33 -28.21
C GLY A 212 9.89 27.43 -29.02
N SER A 213 11.12 27.25 -28.55
CA SER A 213 12.06 26.39 -29.27
C SER A 213 12.31 25.10 -28.49
N VAL A 214 12.57 24.01 -29.22
CA VAL A 214 12.81 22.73 -28.58
C VAL A 214 14.24 22.56 -28.07
N VAL A 215 14.38 22.46 -26.76
CA VAL A 215 15.68 22.32 -26.13
C VAL A 215 15.89 20.92 -25.51
N MET A 216 17.15 20.52 -25.40
CA MET A 216 17.51 19.22 -24.83
C MET A 216 18.37 19.36 -23.58
N GLU A 217 18.15 18.47 -22.62
CA GLU A 217 18.92 18.48 -21.40
C GLU A 217 19.44 17.06 -21.24
N ARG A 218 20.74 16.92 -21.05
CA ARG A 218 21.32 15.61 -20.91
C ARG A 218 22.16 15.53 -19.66
N ILE A 219 21.96 14.48 -18.88
CA ILE A 219 22.69 14.32 -17.65
C ILE A 219 23.31 12.94 -17.46
N ARG A 220 24.33 12.91 -16.59
CA ARG A 220 25.07 11.70 -16.29
C ARG A 220 25.33 11.61 -14.77
N MET A 221 25.32 10.39 -14.25
CA MET A 221 25.58 10.19 -12.84
C MET A 221 26.39 8.91 -12.66
N ASP A 222 27.41 8.98 -11.81
CA ASP A 222 28.25 7.81 -11.55
C ASP A 222 27.91 7.32 -10.16
N ILE A 223 27.24 6.18 -10.11
CA ILE A 223 26.80 5.62 -8.84
C ILE A 223 27.67 4.47 -8.33
N ARG A 224 28.11 4.57 -7.08
CA ARG A 224 28.91 3.53 -6.48
C ARG A 224 28.12 2.23 -6.30
N LYS A 225 28.62 1.15 -6.89
CA LYS A 225 27.97 -0.17 -6.79
C LYS A 225 28.00 -0.76 -5.39
N VAL A 226 26.89 -1.41 -5.01
CA VAL A 226 26.80 -2.07 -3.72
C VAL A 226 26.90 -3.56 -4.07
N ASP A 227 27.75 -4.29 -3.35
CA ASP A 227 27.99 -5.71 -3.60
C ASP A 227 26.82 -6.65 -3.28
N ALA A 228 25.70 -6.46 -3.96
CA ALA A 228 24.53 -7.29 -3.74
C ALA A 228 23.46 -7.06 -4.80
N VAL A 229 22.62 -8.07 -4.97
CA VAL A 229 21.53 -7.99 -5.93
C VAL A 229 20.25 -7.60 -5.20
N PHE A 230 19.71 -6.44 -5.54
CA PHE A 230 18.48 -5.98 -4.93
C PHE A 230 17.35 -6.17 -5.91
N VAL A 231 16.13 -6.29 -5.38
CA VAL A 231 14.96 -6.45 -6.23
C VAL A 231 13.98 -5.36 -5.84
N GLY A 232 13.38 -4.72 -6.83
CA GLY A 232 12.42 -3.66 -6.58
C GLY A 232 13.01 -2.26 -6.77
N THR A 233 14.34 -2.18 -6.80
CA THR A 233 15.03 -0.90 -6.98
C THR A 233 14.70 -0.20 -8.32
N GLY A 234 14.47 -0.97 -9.39
CA GLY A 234 14.13 -0.34 -10.66
C GLY A 234 12.71 0.22 -10.59
N ASP A 235 11.78 -0.54 -9.99
CA ASP A 235 10.41 -0.07 -9.83
C ASP A 235 10.43 1.22 -8.98
N LEU A 236 11.26 1.23 -7.94
CA LEU A 236 11.38 2.39 -7.05
C LEU A 236 11.95 3.59 -7.79
N PHE A 237 12.95 3.32 -8.64
CA PHE A 237 13.60 4.36 -9.43
C PHE A 237 12.55 5.01 -10.31
N ALA A 238 11.74 4.18 -10.99
CA ALA A 238 10.70 4.70 -11.88
C ALA A 238 9.61 5.48 -11.15
N ALA A 239 9.27 5.04 -9.93
CA ALA A 239 8.25 5.74 -9.13
C ALA A 239 8.80 7.08 -8.62
N MET A 240 10.05 7.08 -8.15
CA MET A 240 10.67 8.30 -7.65
C MET A 240 10.97 9.27 -8.79
N LEU A 241 11.28 8.75 -9.99
CA LEU A 241 11.55 9.65 -11.11
C LEU A 241 10.23 10.38 -11.43
N LEU A 242 9.12 9.64 -11.40
CA LEU A 242 7.81 10.23 -11.62
C LEU A 242 7.63 11.37 -10.61
N ALA A 243 7.69 11.04 -9.33
CA ALA A 243 7.50 12.03 -8.29
C ALA A 243 8.33 13.29 -8.48
N TRP A 244 9.65 13.13 -8.57
CA TRP A 244 10.50 14.30 -8.68
C TRP A 244 10.45 15.07 -9.99
N THR A 245 10.15 14.41 -11.11
CA THR A 245 10.04 15.15 -12.36
C THR A 245 8.78 16.00 -12.21
N HIS A 246 7.81 15.49 -11.45
CA HIS A 246 6.56 16.23 -11.22
C HIS A 246 6.79 17.50 -10.41
N LYS A 247 7.64 17.41 -9.39
CA LYS A 247 7.95 18.55 -8.53
C LYS A 247 8.99 19.48 -9.15
N HIS A 248 9.73 18.97 -10.12
CA HIS A 248 10.77 19.75 -10.81
C HIS A 248 10.66 19.46 -12.30
N PRO A 249 9.58 19.94 -12.93
CA PRO A 249 9.26 19.77 -14.35
C PRO A 249 10.34 20.02 -15.44
N ASN A 250 11.08 21.12 -15.34
CA ASN A 250 12.09 21.38 -16.36
C ASN A 250 13.47 21.37 -15.73
N ASN A 251 13.79 20.27 -15.04
CA ASN A 251 15.07 20.14 -14.37
C ASN A 251 15.37 18.65 -14.20
N LEU A 252 15.68 17.96 -15.30
CA LEU A 252 15.96 16.53 -15.22
C LEU A 252 17.10 16.26 -14.26
N LYS A 253 18.03 17.22 -14.20
CA LYS A 253 19.19 17.14 -13.34
C LYS A 253 18.79 16.93 -11.88
N VAL A 254 17.95 17.80 -11.35
CA VAL A 254 17.50 17.67 -9.96
C VAL A 254 16.65 16.43 -9.70
N ALA A 255 15.68 16.20 -10.58
CA ALA A 255 14.78 15.04 -10.47
C ALA A 255 15.60 13.77 -10.33
N CYS A 256 16.67 13.68 -11.11
CA CYS A 256 17.54 12.51 -11.08
C CYS A 256 18.40 12.46 -9.83
N GLU A 257 18.86 13.61 -9.35
CA GLU A 257 19.69 13.65 -8.15
C GLU A 257 18.89 13.19 -6.93
N LYS A 258 17.63 13.63 -6.87
CA LYS A 258 16.77 13.24 -5.75
C LYS A 258 16.38 11.77 -5.82
N THR A 259 16.13 11.29 -7.04
CA THR A 259 15.77 9.90 -7.29
C THR A 259 16.91 8.98 -6.88
N VAL A 260 18.07 9.17 -7.49
CA VAL A 260 19.25 8.36 -7.20
C VAL A 260 19.68 8.47 -5.74
N SER A 261 19.57 9.66 -5.16
CA SER A 261 19.93 9.84 -3.76
C SER A 261 18.98 9.04 -2.86
N THR A 262 17.70 9.00 -3.22
CA THR A 262 16.74 8.23 -2.43
C THR A 262 17.12 6.75 -2.43
N LEU A 263 17.39 6.19 -3.62
CA LEU A 263 17.80 4.79 -3.77
C LEU A 263 19.06 4.51 -2.96
N HIS A 264 19.91 5.53 -2.86
CA HIS A 264 21.16 5.41 -2.13
C HIS A 264 20.89 5.19 -0.63
N HIS A 265 20.08 6.05 -0.04
CA HIS A 265 19.79 5.92 1.37
C HIS A 265 19.05 4.61 1.65
N VAL A 266 18.09 4.28 0.80
CA VAL A 266 17.37 3.05 0.98
C VAL A 266 18.29 1.86 0.93
N LEU A 267 19.22 1.86 -0.01
CA LEU A 267 20.13 0.73 -0.16
C LEU A 267 21.20 0.67 0.94
N GLN A 268 21.67 1.82 1.38
CA GLN A 268 22.68 1.82 2.44
C GLN A 268 22.08 1.22 3.69
N ARG A 269 20.82 1.58 3.96
CA ARG A 269 20.13 1.07 5.12
C ARG A 269 19.83 -0.41 4.93
N THR A 270 19.54 -0.80 3.69
CA THR A 270 19.24 -2.20 3.44
C THR A 270 20.48 -3.09 3.60
N ILE A 271 21.56 -2.70 2.96
CA ILE A 271 22.77 -3.51 3.06
C ILE A 271 23.24 -3.61 4.50
N GLN A 272 23.15 -2.51 5.26
CA GLN A 272 23.57 -2.54 6.67
C GLN A 272 22.76 -3.57 7.46
N CYS A 273 21.43 -3.41 7.48
CA CYS A 273 20.58 -4.36 8.19
C CYS A 273 20.80 -5.80 7.70
N ALA A 274 21.01 -5.97 6.40
CA ALA A 274 21.23 -7.30 5.81
C ALA A 274 22.50 -7.94 6.37
N LYS A 275 23.58 -7.16 6.42
CA LYS A 275 24.84 -7.67 6.94
C LYS A 275 24.72 -8.00 8.42
N ALA A 276 24.04 -7.13 9.16
CA ALA A 276 23.85 -7.32 10.59
C ALA A 276 23.07 -8.60 10.89
N GLN A 277 22.27 -9.06 9.91
CA GLN A 277 21.50 -10.29 10.09
C GLN A 277 22.25 -11.51 9.58
N ALA A 278 22.82 -11.39 8.39
CA ALA A 278 23.55 -12.50 7.77
C ALA A 278 24.80 -12.86 8.56
N GLY A 279 25.44 -11.86 9.15
CA GLY A 279 26.66 -12.11 9.89
C GLY A 279 27.88 -11.83 9.05
N GLU A 280 28.90 -11.24 9.68
CA GLU A 280 30.17 -10.90 9.03
C GLU A 280 30.70 -12.01 8.13
N GLY A 281 31.07 -11.64 6.92
CA GLY A 281 31.61 -12.61 5.98
C GLY A 281 30.53 -13.27 5.14
N VAL A 282 29.37 -13.47 5.75
CA VAL A 282 28.26 -14.12 5.06
C VAL A 282 27.52 -13.20 4.08
N ARG A 283 27.18 -13.74 2.91
CA ARG A 283 26.44 -12.99 1.90
C ARG A 283 24.95 -13.01 2.22
N PRO A 284 24.35 -11.84 2.44
CA PRO A 284 22.92 -11.78 2.76
C PRO A 284 22.05 -12.47 1.72
N SER A 285 20.99 -13.11 2.20
CA SER A 285 20.04 -13.82 1.34
C SER A 285 19.01 -12.84 0.80
N PRO A 286 18.19 -13.28 -0.17
CA PRO A 286 17.16 -12.38 -0.73
C PRO A 286 16.27 -11.79 0.37
N MET A 287 15.84 -12.64 1.30
CA MET A 287 14.99 -12.21 2.40
C MET A 287 15.62 -11.06 3.18
N GLN A 288 16.91 -11.18 3.46
CA GLN A 288 17.62 -10.17 4.23
C GLN A 288 17.86 -8.88 3.45
N LEU A 289 17.87 -8.98 2.12
CA LEU A 289 18.08 -7.82 1.24
C LEU A 289 16.81 -7.08 0.82
N GLU A 290 15.64 -7.55 1.29
CA GLU A 290 14.37 -6.89 0.98
C GLU A 290 14.50 -5.47 1.42
N LEU A 291 14.09 -4.54 0.56
CA LEU A 291 14.20 -3.12 0.87
C LEU A 291 13.66 -2.68 2.23
N ARG A 292 14.44 -1.86 2.92
CA ARG A 292 14.03 -1.30 4.20
C ARG A 292 13.28 -0.05 3.79
N MET A 293 12.10 -0.25 3.19
CA MET A 293 11.24 0.85 2.69
C MET A 293 10.64 1.72 3.81
N VAL A 294 9.96 1.06 4.74
CA VAL A 294 9.29 1.75 5.82
C VAL A 294 10.26 2.53 6.69
N GLN A 295 11.42 1.95 6.95
CA GLN A 295 12.38 2.65 7.77
C GLN A 295 13.02 3.83 7.02
N SER A 296 12.76 3.95 5.72
CA SER A 296 13.36 5.03 4.92
C SER A 296 12.43 6.19 4.66
N LYS A 297 11.31 6.23 5.35
CA LYS A 297 10.33 7.28 5.15
C LYS A 297 10.89 8.70 5.04
N ARG A 298 11.72 9.11 6.00
CA ARG A 298 12.30 10.46 6.00
C ARG A 298 13.21 10.74 4.80
N ASP A 299 13.90 9.70 4.33
CA ASP A 299 14.79 9.84 3.20
C ASP A 299 13.97 10.08 1.94
N ILE A 300 12.80 9.45 1.90
CA ILE A 300 11.92 9.59 0.75
C ILE A 300 11.30 10.98 0.74
N GLU A 301 10.93 11.48 1.92
CA GLU A 301 10.30 12.80 2.00
C GLU A 301 11.24 13.90 1.52
N ASP A 302 12.49 13.85 1.94
CA ASP A 302 13.47 14.86 1.56
C ASP A 302 14.86 14.22 1.54
N PRO A 303 15.24 13.61 0.41
CA PRO A 303 16.56 12.97 0.35
C PRO A 303 17.76 13.94 0.37
N GLU A 304 18.76 13.64 1.20
CA GLU A 304 19.96 14.46 1.26
C GLU A 304 20.73 14.07 0.00
N ILE A 305 20.97 15.04 -0.89
CA ILE A 305 21.68 14.76 -2.15
C ILE A 305 23.11 14.31 -1.93
N VAL A 306 23.37 13.02 -2.16
CA VAL A 306 24.72 12.51 -1.97
C VAL A 306 25.43 12.29 -3.28
N VAL A 307 24.77 12.66 -4.38
CA VAL A 307 25.35 12.54 -5.71
C VAL A 307 24.95 13.74 -6.55
N GLN A 308 25.88 14.27 -7.31
CA GLN A 308 25.57 15.41 -8.17
C GLN A 308 25.65 14.92 -9.58
N ALA A 309 24.68 15.32 -10.39
CA ALA A 309 24.62 14.91 -11.78
C ALA A 309 25.45 15.86 -12.65
N THR A 310 26.17 15.29 -13.61
CA THR A 310 26.95 16.10 -14.53
C THR A 310 26.20 16.31 -15.85
N VAL A 311 25.98 17.58 -16.19
CA VAL A 311 25.29 17.98 -17.42
C VAL A 311 26.12 17.69 -18.68
N LEU A 312 25.55 16.95 -19.63
CA LEU A 312 26.28 16.64 -20.85
C LEU A 312 25.91 17.62 -21.97
N GLU B 3 14.83 -5.37 15.53
CA GLU B 3 13.91 -4.21 15.75
C GLU B 3 12.95 -4.03 14.59
N GLU B 4 11.83 -4.76 14.64
CA GLU B 4 10.81 -4.68 13.60
C GLU B 4 9.56 -5.41 14.01
N CYS B 5 8.41 -4.79 13.72
CA CYS B 5 7.14 -5.39 14.05
C CYS B 5 6.44 -5.85 12.77
N ARG B 6 6.27 -7.16 12.60
CA ARG B 6 5.63 -7.69 11.41
C ARG B 6 4.16 -8.03 11.57
N VAL B 7 3.36 -7.48 10.66
CA VAL B 7 1.90 -7.63 10.65
C VAL B 7 1.38 -8.28 9.36
N LEU B 8 0.52 -9.29 9.50
CA LEU B 8 -0.09 -9.92 8.33
C LEU B 8 -1.54 -9.47 8.29
N SER B 9 -1.86 -8.58 7.36
CA SER B 9 -3.21 -8.04 7.23
C SER B 9 -3.95 -8.67 6.04
N ILE B 10 -5.03 -9.36 6.35
CA ILE B 10 -5.85 -10.02 5.35
C ILE B 10 -7.18 -9.28 5.19
N GLN B 11 -7.23 -8.34 4.25
CA GLN B 11 -8.43 -7.55 4.04
C GLN B 11 -8.63 -7.21 2.57
N SER B 12 -9.70 -6.48 2.30
CA SER B 12 -10.06 -6.08 0.95
C SER B 12 -9.14 -5.04 0.39
N HIS B 13 -9.07 -5.01 -0.94
CA HIS B 13 -8.26 -4.04 -1.63
C HIS B 13 -9.12 -3.40 -2.70
N VAL B 14 -9.01 -2.09 -2.85
CA VAL B 14 -9.74 -1.38 -3.89
C VAL B 14 -8.72 -0.55 -4.68
N ILE B 15 -9.02 -0.31 -5.97
CA ILE B 15 -8.12 0.50 -6.79
C ILE B 15 -8.26 1.95 -6.31
N ARG B 16 -9.47 2.49 -6.40
CA ARG B 16 -9.70 3.86 -5.93
C ARG B 16 -10.30 3.82 -4.51
N GLY B 17 -9.82 4.71 -3.64
CA GLY B 17 -10.36 4.77 -2.30
C GLY B 17 -9.57 4.13 -1.16
N TYR B 18 -10.14 4.28 0.04
CA TYR B 18 -9.51 3.74 1.23
C TYR B 18 -10.40 2.96 2.16
N VAL B 19 -10.40 1.64 2.00
CA VAL B 19 -11.16 0.71 2.86
C VAL B 19 -10.29 -0.55 2.95
N GLY B 20 -10.57 -1.41 3.92
CA GLY B 20 -9.77 -2.62 4.05
C GLY B 20 -8.28 -2.33 4.11
N ASN B 21 -7.50 -3.18 3.44
CA ASN B 21 -6.06 -3.04 3.42
C ASN B 21 -5.58 -1.66 2.95
N ARG B 22 -6.43 -0.91 2.25
CA ARG B 22 -6.09 0.45 1.80
C ARG B 22 -6.24 1.49 2.93
N ALA B 23 -7.15 1.27 3.85
CA ALA B 23 -7.31 2.20 4.98
C ALA B 23 -6.28 1.85 6.06
N ALA B 24 -5.94 0.57 6.16
CA ALA B 24 -5.00 0.08 7.17
C ALA B 24 -3.52 0.14 6.84
N THR B 25 -3.14 -0.13 5.59
CA THR B 25 -1.72 -0.17 5.25
C THR B 25 -0.85 1.08 5.37
N PHE B 26 -1.17 2.13 4.62
CA PHE B 26 -0.39 3.36 4.69
C PHE B 26 -0.14 3.88 6.13
N PRO B 27 -1.21 3.94 6.97
CA PRO B 27 -1.07 4.41 8.35
C PRO B 27 -0.04 3.60 9.15
N LEU B 28 -0.13 2.26 9.08
CA LEU B 28 0.78 1.38 9.79
C LEU B 28 2.18 1.46 9.23
N GLN B 29 2.29 1.75 7.95
CA GLN B 29 3.61 1.86 7.34
C GLN B 29 4.22 3.15 7.87
N VAL B 30 3.41 4.20 7.96
CA VAL B 30 3.88 5.48 8.46
C VAL B 30 4.36 5.37 9.92
N LEU B 31 3.76 4.47 10.68
CA LEU B 31 4.14 4.29 12.08
C LEU B 31 5.28 3.31 12.25
N GLY B 32 5.81 2.83 11.12
CA GLY B 32 6.95 1.92 11.14
C GLY B 32 6.75 0.42 11.19
N PHE B 33 5.50 -0.02 11.03
CA PHE B 33 5.27 -1.47 11.06
C PHE B 33 5.54 -2.10 9.69
N GLU B 34 6.08 -3.32 9.71
CA GLU B 34 6.33 -4.07 8.48
C GLU B 34 5.05 -4.83 8.23
N ILE B 35 4.06 -4.16 7.67
CA ILE B 35 2.78 -4.79 7.37
C ILE B 35 2.72 -5.43 5.97
N ASP B 36 2.48 -6.75 5.95
CA ASP B 36 2.37 -7.48 4.70
C ASP B 36 0.88 -7.59 4.43
N ALA B 37 0.44 -7.12 3.26
CA ALA B 37 -0.97 -7.13 2.92
C ALA B 37 -1.44 -8.27 2.02
N VAL B 38 -2.42 -9.03 2.52
CA VAL B 38 -3.02 -10.10 1.71
C VAL B 38 -4.36 -9.53 1.29
N ASN B 39 -4.57 -9.34 0.00
CA ASN B 39 -5.85 -8.79 -0.46
C ASN B 39 -6.86 -9.86 -0.75
N SER B 40 -7.87 -9.92 0.12
CA SER B 40 -8.94 -10.91 0.04
C SER B 40 -9.83 -10.61 -1.18
N VAL B 41 -9.77 -9.38 -1.67
CA VAL B 41 -10.48 -8.99 -2.88
C VAL B 41 -9.83 -7.79 -3.57
N GLN B 42 -10.11 -7.64 -4.86
CA GLN B 42 -9.64 -6.49 -5.61
C GLN B 42 -10.82 -5.96 -6.38
N PHE B 43 -11.33 -4.82 -5.93
CA PHE B 43 -12.47 -4.17 -6.55
C PHE B 43 -12.07 -2.80 -6.98
N SER B 44 -12.85 -2.21 -7.88
CA SER B 44 -12.57 -0.88 -8.39
C SER B 44 -12.71 0.19 -7.32
N ASN B 45 -13.61 -0.05 -6.38
CA ASN B 45 -13.87 0.90 -5.31
C ASN B 45 -14.80 0.18 -4.35
N HIS B 46 -15.08 0.77 -3.19
CA HIS B 46 -15.95 0.13 -2.21
C HIS B 46 -17.40 0.05 -2.71
N THR B 47 -18.17 -0.86 -2.10
CA THR B 47 -19.54 -1.14 -2.47
C THR B 47 -20.62 -0.13 -2.12
N GLY B 48 -20.22 1.02 -1.59
CA GLY B 48 -21.20 2.04 -1.29
C GLY B 48 -21.34 2.95 -2.51
N TYR B 49 -20.50 2.72 -3.52
CA TYR B 49 -20.58 3.50 -4.74
C TYR B 49 -21.74 2.98 -5.58
N ALA B 50 -22.26 3.82 -6.47
CA ALA B 50 -23.33 3.42 -7.36
C ALA B 50 -22.89 2.16 -8.13
N HIS B 51 -21.63 2.09 -8.51
CA HIS B 51 -21.15 0.91 -9.23
C HIS B 51 -19.84 0.42 -8.65
N TRP B 52 -19.51 -0.83 -8.95
CA TRP B 52 -18.25 -1.43 -8.54
C TRP B 52 -18.08 -2.78 -9.23
N LYS B 53 -16.85 -3.10 -9.60
CA LYS B 53 -16.52 -4.35 -10.27
C LYS B 53 -15.24 -4.89 -9.61
N GLY B 54 -14.99 -6.19 -9.71
CA GLY B 54 -13.80 -6.72 -9.11
C GLY B 54 -13.76 -8.24 -8.99
N GLN B 55 -12.70 -8.76 -8.38
CA GLN B 55 -12.57 -10.20 -8.19
C GLN B 55 -12.33 -10.45 -6.71
N VAL B 56 -12.66 -11.65 -6.24
CA VAL B 56 -12.46 -11.98 -4.85
C VAL B 56 -11.45 -13.11 -4.82
N LEU B 57 -10.83 -13.30 -3.66
CA LEU B 57 -9.84 -14.34 -3.46
C LEU B 57 -10.55 -15.48 -2.73
N ASN B 58 -10.34 -16.72 -3.18
CA ASN B 58 -10.98 -17.85 -2.51
C ASN B 58 -10.00 -18.53 -1.55
N SER B 59 -10.55 -19.28 -0.60
CA SER B 59 -9.75 -19.97 0.43
C SER B 59 -8.56 -20.80 -0.08
N ASP B 60 -8.69 -21.33 -1.29
CA ASP B 60 -7.62 -22.13 -1.87
C ASP B 60 -6.44 -21.24 -2.24
N GLU B 61 -6.74 -20.14 -2.92
CA GLU B 61 -5.71 -19.20 -3.32
C GLU B 61 -5.04 -18.60 -2.08
N LEU B 62 -5.84 -18.37 -1.04
CA LEU B 62 -5.34 -17.81 0.21
C LEU B 62 -4.39 -18.82 0.80
N GLN B 63 -4.81 -20.08 0.78
CA GLN B 63 -3.97 -21.15 1.29
C GLN B 63 -2.70 -21.21 0.43
N GLU B 64 -2.88 -21.15 -0.89
CA GLU B 64 -1.76 -21.18 -1.82
C GLU B 64 -0.72 -20.10 -1.44
N LEU B 65 -1.21 -18.85 -1.29
CA LEU B 65 -0.36 -17.71 -0.93
C LEU B 65 0.39 -17.96 0.37
N TYR B 66 -0.31 -18.55 1.35
CA TYR B 66 0.32 -18.82 2.63
C TYR B 66 1.38 -19.90 2.45
N GLU B 67 1.13 -20.84 1.54
CA GLU B 67 2.09 -21.91 1.27
C GLU B 67 3.43 -21.31 0.85
N GLY B 68 3.37 -20.26 0.03
CA GLY B 68 4.57 -19.60 -0.41
C GLY B 68 5.38 -19.09 0.77
N LEU B 69 4.73 -18.31 1.63
CA LEU B 69 5.40 -17.75 2.78
C LEU B 69 6.04 -18.87 3.63
N ARG B 70 5.27 -19.92 3.88
CA ARG B 70 5.77 -21.04 4.69
C ARG B 70 7.03 -21.67 4.08
N LEU B 71 6.98 -22.02 2.80
CA LEU B 71 8.13 -22.62 2.12
C LEU B 71 9.37 -21.76 2.29
N ASN B 72 9.17 -20.45 2.38
CA ASN B 72 10.30 -19.57 2.53
C ASN B 72 10.58 -19.26 3.99
N ASN B 73 9.88 -19.95 4.88
CA ASN B 73 10.08 -19.76 6.30
C ASN B 73 9.77 -18.32 6.69
N MET B 74 8.76 -17.72 6.05
CA MET B 74 8.38 -16.33 6.30
C MET B 74 7.05 -16.27 7.01
N ASN B 75 6.77 -17.31 7.79
CA ASN B 75 5.47 -17.32 8.46
C ASN B 75 5.64 -17.05 9.94
N LYS B 76 6.36 -15.98 10.22
CA LYS B 76 6.60 -15.55 11.58
C LYS B 76 6.15 -14.11 11.71
N TYR B 77 5.00 -13.90 12.32
CA TYR B 77 4.50 -12.54 12.49
C TYR B 77 4.33 -12.15 13.95
N ASP B 78 4.20 -10.86 14.19
CA ASP B 78 4.03 -10.34 15.53
C ASP B 78 2.55 -10.10 15.74
N TYR B 79 1.85 -9.71 14.67
CA TYR B 79 0.41 -9.47 14.70
C TYR B 79 -0.23 -9.96 13.42
N VAL B 80 -1.51 -10.25 13.53
CA VAL B 80 -2.33 -10.64 12.39
C VAL B 80 -3.52 -9.71 12.53
N LEU B 81 -4.00 -9.23 11.40
CA LEU B 81 -5.11 -8.28 11.36
C LEU B 81 -6.14 -8.70 10.31
N THR B 82 -7.41 -8.80 10.72
CA THR B 82 -8.46 -9.19 9.82
C THR B 82 -9.67 -8.30 10.01
N GLY B 83 -10.48 -8.19 8.97
CA GLY B 83 -11.68 -7.38 9.03
C GLY B 83 -12.77 -8.02 8.23
N TYR B 84 -13.41 -7.22 7.38
CA TYR B 84 -14.49 -7.67 6.53
C TYR B 84 -14.10 -8.93 5.74
N THR B 85 -14.82 -10.01 5.96
CA THR B 85 -14.62 -11.30 5.29
C THR B 85 -16.04 -11.70 4.87
N ARG B 86 -16.23 -12.05 3.61
CA ARG B 86 -17.57 -12.41 3.14
C ARG B 86 -17.84 -13.90 2.97
N ASP B 87 -16.82 -14.70 3.05
CA ASP B 87 -16.97 -16.12 2.83
C ASP B 87 -16.57 -16.99 4.03
N LYS B 88 -17.42 -17.96 4.32
CA LYS B 88 -17.19 -18.85 5.44
C LYS B 88 -15.95 -19.72 5.26
N SER B 89 -15.76 -20.32 4.09
CA SER B 89 -14.57 -21.15 3.91
C SER B 89 -13.32 -20.29 4.04
N PHE B 90 -13.42 -19.06 3.56
CA PHE B 90 -12.30 -18.12 3.61
C PHE B 90 -12.02 -17.82 5.08
N LEU B 91 -13.07 -17.46 5.82
CA LEU B 91 -12.90 -17.15 7.25
C LEU B 91 -12.30 -18.33 8.01
N ALA B 92 -12.66 -19.54 7.59
CA ALA B 92 -12.17 -20.75 8.24
C ALA B 92 -10.69 -20.92 7.93
N MET B 93 -10.31 -20.64 6.69
CA MET B 93 -8.92 -20.75 6.28
C MET B 93 -8.12 -19.74 7.09
N VAL B 94 -8.70 -18.57 7.31
CA VAL B 94 -8.03 -17.54 8.13
C VAL B 94 -7.76 -18.12 9.53
N VAL B 95 -8.75 -18.81 10.10
CA VAL B 95 -8.61 -19.41 11.42
C VAL B 95 -7.47 -20.42 11.39
N ASP B 96 -7.45 -21.30 10.39
CA ASP B 96 -6.37 -22.26 10.31
C ASP B 96 -5.01 -21.59 10.22
N ILE B 97 -4.96 -20.46 9.51
CA ILE B 97 -3.70 -19.73 9.34
C ILE B 97 -3.22 -19.08 10.64
N VAL B 98 -4.09 -18.31 11.30
CA VAL B 98 -3.74 -17.61 12.55
C VAL B 98 -3.22 -18.60 13.58
N GLN B 99 -3.90 -19.73 13.55
CA GLN B 99 -3.55 -20.83 14.45
C GLN B 99 -2.11 -21.34 14.30
N GLU B 100 -1.78 -21.66 13.04
CA GLU B 100 -0.45 -22.15 12.76
C GLU B 100 0.55 -21.04 13.07
N LEU B 101 0.24 -19.82 12.65
CA LEU B 101 1.13 -18.70 12.92
C LEU B 101 1.33 -18.51 14.43
N LYS B 102 0.31 -18.86 15.21
CA LYS B 102 0.40 -18.74 16.66
C LYS B 102 1.23 -19.89 17.20
N GLN B 103 1.24 -21.01 16.49
CA GLN B 103 2.08 -22.12 16.91
C GLN B 103 3.53 -21.63 16.77
N GLN B 104 3.84 -21.14 15.56
CA GLN B 104 5.16 -20.62 15.24
C GLN B 104 5.57 -19.53 16.21
N ASN B 105 4.63 -18.67 16.58
CA ASN B 105 4.93 -17.57 17.49
C ASN B 105 3.84 -17.38 18.53
N PRO B 106 3.97 -18.06 19.67
CA PRO B 106 3.00 -17.99 20.77
C PRO B 106 2.71 -16.57 21.26
N ARG B 107 3.61 -15.64 20.97
CA ARG B 107 3.44 -14.26 21.42
C ARG B 107 2.68 -13.42 20.39
N LEU B 108 2.26 -14.06 19.31
CA LEU B 108 1.52 -13.36 18.29
C LEU B 108 0.19 -12.82 18.82
N VAL B 109 -0.12 -11.59 18.43
CA VAL B 109 -1.35 -10.94 18.81
C VAL B 109 -2.29 -10.85 17.62
N TYR B 110 -3.40 -11.58 17.68
CA TYR B 110 -4.38 -11.56 16.61
C TYR B 110 -5.43 -10.48 16.86
N VAL B 111 -5.33 -9.36 16.14
CA VAL B 111 -6.32 -8.30 16.29
C VAL B 111 -7.45 -8.61 15.29
N CYS B 112 -8.65 -8.86 15.80
CA CYS B 112 -9.79 -9.19 14.93
C CYS B 112 -10.96 -8.23 14.96
N ASP B 113 -11.28 -7.69 13.79
CA ASP B 113 -12.44 -6.82 13.65
C ASP B 113 -13.51 -7.78 13.12
N PRO B 114 -14.46 -8.18 13.98
CA PRO B 114 -15.54 -9.11 13.64
C PRO B 114 -16.66 -8.43 12.82
N VAL B 115 -16.37 -8.08 11.57
CA VAL B 115 -17.38 -7.37 10.77
C VAL B 115 -18.55 -8.28 10.42
N LEU B 116 -19.74 -7.86 10.85
CA LEU B 116 -20.96 -8.63 10.64
C LEU B 116 -22.10 -7.77 10.11
N GLY B 117 -22.08 -6.51 10.50
CA GLY B 117 -23.13 -5.62 10.04
C GLY B 117 -23.11 -4.40 10.90
N ASP B 118 -24.14 -3.58 10.81
CA ASP B 118 -24.22 -2.36 11.58
C ASP B 118 -25.69 -1.99 11.78
N LYS B 119 -25.93 -0.85 12.41
CA LYS B 119 -27.28 -0.35 12.67
C LYS B 119 -27.51 0.92 11.89
N TRP B 120 -28.77 1.21 11.59
CA TRP B 120 -29.08 2.45 10.90
C TRP B 120 -30.42 2.99 11.40
N ASP B 121 -30.39 4.20 11.95
CA ASP B 121 -31.58 4.86 12.49
C ASP B 121 -32.09 4.20 13.76
N GLY B 122 -32.11 2.87 13.76
CA GLY B 122 -32.59 2.14 14.92
C GLY B 122 -32.35 0.66 14.77
N GLU B 123 -32.85 0.06 13.69
CA GLU B 123 -32.68 -1.37 13.47
C GLU B 123 -31.36 -1.68 12.77
N GLY B 124 -30.80 -2.84 13.10
CA GLY B 124 -29.55 -3.27 12.52
C GLY B 124 -29.73 -4.51 11.66
N SER B 125 -28.82 -4.69 10.72
CA SER B 125 -28.90 -5.82 9.83
C SER B 125 -27.50 -6.25 9.45
N MET B 126 -27.36 -7.51 9.04
CA MET B 126 -26.07 -8.02 8.63
C MET B 126 -25.69 -7.62 7.22
N TYR B 127 -24.39 -7.67 6.92
CA TYR B 127 -23.82 -7.30 5.62
C TYR B 127 -22.93 -8.45 5.19
N VAL B 128 -23.01 -9.54 5.92
CA VAL B 128 -22.19 -10.68 5.59
C VAL B 128 -23.05 -11.90 5.77
N PRO B 129 -22.67 -13.02 5.15
CA PRO B 129 -23.43 -14.27 5.26
C PRO B 129 -23.66 -14.64 6.73
N GLU B 130 -24.91 -14.85 7.10
CA GLU B 130 -25.26 -15.22 8.44
C GLU B 130 -24.53 -16.45 8.98
N ASP B 131 -24.09 -17.34 8.09
CA ASP B 131 -23.38 -18.54 8.54
C ASP B 131 -21.94 -18.21 8.98
N LEU B 132 -21.66 -16.93 9.13
CA LEU B 132 -20.34 -16.45 9.55
C LEU B 132 -20.36 -16.26 11.08
N LEU B 133 -21.51 -15.84 11.58
CA LEU B 133 -21.70 -15.59 13.00
C LEU B 133 -21.30 -16.75 13.93
N PRO B 134 -21.63 -18.01 13.56
CA PRO B 134 -21.25 -19.12 14.43
C PRO B 134 -19.75 -19.36 14.39
N VAL B 135 -19.17 -19.16 13.20
CA VAL B 135 -17.75 -19.33 13.01
C VAL B 135 -16.98 -18.29 13.82
N TYR B 136 -17.46 -17.05 13.80
CA TYR B 136 -16.81 -16.02 14.58
C TYR B 136 -16.89 -16.37 16.07
N LYS B 137 -18.05 -16.82 16.52
CA LYS B 137 -18.27 -17.17 17.92
C LYS B 137 -17.43 -18.33 18.43
N GLU B 138 -17.41 -19.42 17.68
CA GLU B 138 -16.69 -20.61 18.10
C GLU B 138 -15.25 -20.71 17.65
N LYS B 139 -14.91 -20.08 16.53
CA LYS B 139 -13.55 -20.18 16.02
C LYS B 139 -12.68 -18.93 16.02
N VAL B 140 -13.22 -17.83 15.50
CA VAL B 140 -12.42 -16.61 15.38
C VAL B 140 -12.14 -15.87 16.69
N VAL B 141 -13.20 -15.49 17.41
CA VAL B 141 -13.05 -14.75 18.64
C VAL B 141 -12.25 -15.48 19.73
N PRO B 142 -12.42 -16.80 19.86
CA PRO B 142 -11.65 -17.51 20.89
C PRO B 142 -10.15 -17.39 20.65
N LEU B 143 -9.80 -17.13 19.38
CA LEU B 143 -8.41 -16.98 18.95
C LEU B 143 -7.94 -15.54 19.04
N ALA B 144 -8.87 -14.61 19.11
CA ALA B 144 -8.54 -13.21 19.15
C ALA B 144 -8.00 -12.70 20.48
N ASP B 145 -7.14 -11.70 20.39
CA ASP B 145 -6.54 -11.09 21.54
C ASP B 145 -7.16 -9.71 21.67
N ILE B 146 -7.52 -9.10 20.54
CA ILE B 146 -8.17 -7.80 20.56
C ILE B 146 -9.28 -7.80 19.52
N ILE B 147 -10.51 -7.53 19.94
CA ILE B 147 -11.59 -7.47 18.95
C ILE B 147 -12.12 -6.05 19.04
N THR B 148 -12.67 -5.57 17.94
CA THR B 148 -13.20 -4.20 17.86
C THR B 148 -14.60 -4.23 17.25
N PRO B 149 -15.56 -4.88 17.91
CA PRO B 149 -16.87 -4.84 17.24
C PRO B 149 -17.62 -3.53 17.47
N ASN B 150 -18.64 -3.26 16.65
CA ASN B 150 -19.47 -2.09 16.87
C ASN B 150 -20.61 -2.60 17.77
N GLN B 151 -21.49 -1.70 18.21
CA GLN B 151 -22.55 -2.13 19.08
C GLN B 151 -23.32 -3.33 18.54
N PHE B 152 -23.74 -3.24 17.28
CA PHE B 152 -24.52 -4.31 16.64
C PHE B 152 -23.76 -5.65 16.66
N GLU B 153 -22.46 -5.61 16.41
CA GLU B 153 -21.65 -6.81 16.40
C GLU B 153 -21.42 -7.34 17.81
N ALA B 154 -21.32 -6.43 18.78
CA ALA B 154 -21.14 -6.85 20.17
C ALA B 154 -22.40 -7.62 20.57
N GLU B 155 -23.57 -7.09 20.18
CA GLU B 155 -24.84 -7.76 20.49
C GLU B 155 -24.98 -9.14 19.83
N LEU B 156 -24.70 -9.24 18.53
CA LEU B 156 -24.79 -10.52 17.82
C LEU B 156 -23.84 -11.55 18.41
N LEU B 157 -22.62 -11.12 18.72
CA LEU B 157 -21.62 -12.02 19.27
C LEU B 157 -21.96 -12.54 20.67
N SER B 158 -22.46 -11.65 21.51
CA SER B 158 -22.82 -12.01 22.88
C SER B 158 -24.22 -12.63 23.01
N GLY B 159 -25.12 -12.23 22.12
CA GLY B 159 -26.48 -12.72 22.16
C GLY B 159 -27.36 -11.82 23.02
N ARG B 160 -26.81 -10.75 23.60
CA ARG B 160 -27.59 -9.85 24.45
C ARG B 160 -27.74 -8.51 23.76
N LYS B 161 -28.89 -7.87 23.93
CA LYS B 161 -29.10 -6.57 23.31
C LYS B 161 -28.51 -5.55 24.27
N ILE B 162 -28.10 -4.40 23.77
CA ILE B 162 -27.53 -3.40 24.64
C ILE B 162 -28.37 -2.14 24.66
N HIS B 163 -28.85 -1.79 25.85
CA HIS B 163 -29.72 -0.62 26.02
C HIS B 163 -29.07 0.47 26.85
N SER B 164 -27.98 0.15 27.55
CA SER B 164 -27.28 1.13 28.39
C SER B 164 -25.82 0.79 28.59
N GLN B 165 -25.08 1.72 29.19
CA GLN B 165 -23.66 1.51 29.44
C GLN B 165 -23.38 0.26 30.26
N GLU B 166 -24.18 0.05 31.32
CA GLU B 166 -23.97 -1.11 32.18
C GLU B 166 -24.22 -2.41 31.44
N GLU B 167 -25.13 -2.40 30.47
CA GLU B 167 -25.38 -3.62 29.69
C GLU B 167 -24.19 -3.84 28.74
N ALA B 168 -23.62 -2.74 28.26
CA ALA B 168 -22.46 -2.81 27.38
C ALA B 168 -21.30 -3.45 28.14
N LEU B 169 -21.03 -2.93 29.32
CA LEU B 169 -19.93 -3.47 30.13
C LEU B 169 -20.13 -4.96 30.40
N ARG B 170 -21.38 -5.35 30.67
CA ARG B 170 -21.68 -6.75 30.91
C ARG B 170 -21.42 -7.53 29.62
N VAL B 171 -21.80 -6.98 28.47
CA VAL B 171 -21.54 -7.70 27.23
C VAL B 171 -20.03 -7.81 27.05
N MET B 172 -19.30 -6.72 27.30
CA MET B 172 -17.86 -6.76 27.16
C MET B 172 -17.24 -7.87 27.99
N ASP B 173 -17.69 -8.02 29.24
CA ASP B 173 -17.17 -9.10 30.09
C ASP B 173 -17.45 -10.46 29.46
N MET B 174 -18.62 -10.60 28.87
CA MET B 174 -19.00 -11.83 28.20
C MET B 174 -18.02 -12.05 27.06
N LEU B 175 -17.75 -10.99 26.32
CA LEU B 175 -16.81 -11.10 25.21
C LEU B 175 -15.41 -11.46 25.70
N HIS B 176 -15.02 -10.93 26.86
CA HIS B 176 -13.70 -11.25 27.44
C HIS B 176 -13.63 -12.75 27.73
N SER B 177 -14.74 -13.31 28.22
CA SER B 177 -14.77 -14.72 28.56
C SER B 177 -14.66 -15.60 27.30
N MET B 178 -15.04 -15.06 26.15
CA MET B 178 -14.95 -15.82 24.93
C MET B 178 -13.50 -15.96 24.46
N GLY B 179 -12.65 -15.03 24.90
CA GLY B 179 -11.24 -15.09 24.51
C GLY B 179 -10.35 -13.86 24.57
N PRO B 180 -10.66 -12.82 23.80
CA PRO B 180 -9.82 -11.60 23.80
C PRO B 180 -9.69 -10.79 25.08
N ASP B 181 -8.46 -10.45 25.44
CA ASP B 181 -8.19 -9.64 26.63
C ASP B 181 -8.50 -8.18 26.37
N THR B 182 -8.63 -7.82 25.10
CA THR B 182 -8.99 -6.44 24.78
C THR B 182 -10.25 -6.40 23.90
N VAL B 183 -11.25 -5.66 24.38
CA VAL B 183 -12.50 -5.49 23.68
C VAL B 183 -12.79 -4.00 23.58
N VAL B 184 -13.04 -3.53 22.37
CA VAL B 184 -13.38 -2.12 22.19
C VAL B 184 -14.62 -2.06 21.33
N ILE B 185 -15.67 -1.42 21.84
CA ILE B 185 -16.90 -1.24 21.08
C ILE B 185 -16.62 0.09 20.37
N THR B 186 -16.42 0.00 19.05
CA THR B 186 -16.05 1.14 18.26
C THR B 186 -17.10 2.19 17.94
N SER B 187 -18.36 1.87 18.17
CA SER B 187 -19.42 2.83 17.94
C SER B 187 -20.68 2.31 18.58
N SER B 188 -21.54 3.23 19.02
CA SER B 188 -22.83 2.88 19.65
C SER B 188 -23.71 4.11 19.79
N ASP B 189 -25.02 3.87 19.86
CA ASP B 189 -26.00 4.94 19.99
C ASP B 189 -26.41 5.14 21.46
N LEU B 190 -25.54 4.77 22.38
CA LEU B 190 -25.85 4.93 23.79
C LEU B 190 -26.06 6.38 24.13
N PRO B 191 -26.86 6.64 25.18
CA PRO B 191 -27.18 7.98 25.67
C PRO B 191 -25.87 8.72 25.98
N SER B 192 -25.82 10.02 25.71
CA SER B 192 -24.64 10.82 26.00
C SER B 192 -25.01 12.15 26.65
N PRO B 193 -24.40 12.48 27.80
CA PRO B 193 -24.67 13.73 28.50
C PRO B 193 -24.42 14.96 27.63
N GLN B 194 -23.69 14.77 26.55
CA GLN B 194 -23.38 15.92 25.70
C GLN B 194 -24.42 16.24 24.65
N GLY B 195 -25.32 15.32 24.36
CA GLY B 195 -26.31 15.67 23.36
C GLY B 195 -27.21 14.59 22.81
N SER B 196 -26.67 13.84 21.87
CA SER B 196 -27.37 12.75 21.18
C SER B 196 -26.76 12.81 19.79
N ASN B 197 -26.03 13.90 19.54
CA ASN B 197 -25.29 14.11 18.31
C ASN B 197 -23.97 13.38 18.50
N TYR B 198 -23.86 12.63 19.59
CA TYR B 198 -22.64 11.90 19.92
C TYR B 198 -22.78 10.39 19.84
N LEU B 199 -21.69 9.74 19.44
CA LEU B 199 -21.63 8.29 19.33
C LEU B 199 -20.71 7.89 20.49
N ILE B 200 -20.91 6.71 21.02
CA ILE B 200 -20.13 6.31 22.16
C ILE B 200 -19.15 5.21 21.88
N VAL B 201 -17.94 5.37 22.40
CA VAL B 201 -16.90 4.36 22.29
C VAL B 201 -16.62 3.81 23.69
N LEU B 202 -16.56 2.48 23.83
CA LEU B 202 -16.27 1.87 25.13
C LEU B 202 -15.10 0.92 25.03
N GLY B 203 -14.15 1.08 25.96
CA GLY B 203 -12.99 0.22 25.95
C GLY B 203 -12.87 -0.59 27.23
N SER B 204 -12.30 -1.78 27.09
CA SER B 204 -12.12 -2.68 28.20
C SER B 204 -10.93 -3.58 27.89
N GLN B 205 -9.93 -3.57 28.76
CA GLN B 205 -8.72 -4.39 28.59
C GLN B 205 -8.33 -5.11 29.89
N ARG B 206 -8.20 -6.43 29.81
CA ARG B 206 -7.78 -7.24 30.95
C ARG B 206 -6.30 -7.59 30.74
N ARG B 207 -5.52 -7.52 31.82
CA ARG B 207 -4.10 -7.86 31.72
C ARG B 207 -3.50 -8.28 33.07
N ARG B 208 -2.42 -9.05 32.99
CA ARG B 208 -1.71 -9.51 34.18
C ARG B 208 -0.59 -8.52 34.44
N ASN B 209 -0.57 -7.92 35.63
CA ASN B 209 0.46 -6.93 35.95
C ASN B 209 1.76 -7.61 36.42
N PRO B 210 2.85 -6.82 36.51
CA PRO B 210 4.16 -7.34 36.96
C PRO B 210 4.05 -8.29 38.15
N ALA B 211 3.41 -7.81 39.22
CA ALA B 211 3.24 -8.63 40.41
C ALA B 211 2.50 -9.92 40.07
N GLY B 212 1.76 -9.91 38.96
CA GLY B 212 1.01 -11.10 38.57
C GLY B 212 -0.48 -11.02 38.92
N SER B 213 -0.94 -9.82 39.27
CA SER B 213 -2.35 -9.62 39.60
C SER B 213 -3.07 -9.38 38.26
N VAL B 214 -4.23 -10.01 38.06
CA VAL B 214 -5.00 -9.79 36.85
C VAL B 214 -5.94 -8.61 37.03
N VAL B 215 -5.71 -7.54 36.28
CA VAL B 215 -6.53 -6.34 36.37
C VAL B 215 -7.24 -5.94 35.04
N MET B 216 -8.23 -5.08 35.15
CA MET B 216 -9.00 -4.62 34.00
C MET B 216 -9.17 -3.11 33.99
N GLU B 217 -8.84 -2.50 32.86
CA GLU B 217 -8.94 -1.05 32.66
C GLU B 217 -10.14 -0.84 31.72
N ARG B 218 -11.01 0.10 32.04
CA ARG B 218 -12.19 0.41 31.23
C ARG B 218 -12.25 1.91 30.90
N ILE B 219 -12.66 2.23 29.67
CA ILE B 219 -12.74 3.62 29.27
C ILE B 219 -13.97 3.90 28.44
N ARG B 220 -14.35 5.18 28.40
CA ARG B 220 -15.50 5.62 27.64
C ARG B 220 -15.17 6.91 26.92
N MET B 221 -15.63 7.01 25.68
CA MET B 221 -15.41 8.22 24.91
C MET B 221 -16.71 8.63 24.24
N ASP B 222 -16.97 9.93 24.22
CA ASP B 222 -18.16 10.46 23.60
C ASP B 222 -17.67 11.31 22.43
N ILE B 223 -17.89 10.80 21.22
CA ILE B 223 -17.45 11.47 20.00
C ILE B 223 -18.61 12.16 19.28
N ARG B 224 -18.45 13.44 18.95
CA ARG B 224 -19.52 14.13 18.24
C ARG B 224 -19.60 13.60 16.80
N LYS B 225 -20.84 13.37 16.34
CA LYS B 225 -21.09 12.85 15.00
C LYS B 225 -20.88 13.86 13.87
N VAL B 226 -20.33 13.36 12.76
CA VAL B 226 -20.12 14.19 11.57
C VAL B 226 -21.28 13.80 10.65
N ASP B 227 -21.95 14.79 10.10
CA ASP B 227 -23.11 14.54 9.25
C ASP B 227 -22.75 14.03 7.87
N ALA B 228 -22.31 12.77 7.81
CA ALA B 228 -21.95 12.14 6.55
C ALA B 228 -21.57 10.70 6.84
N VAL B 229 -21.67 9.85 5.84
CA VAL B 229 -21.32 8.45 5.97
C VAL B 229 -19.93 8.18 5.36
N PHE B 230 -19.07 7.59 6.18
CA PHE B 230 -17.74 7.28 5.78
C PHE B 230 -17.57 5.77 5.65
N VAL B 231 -16.60 5.37 4.85
CA VAL B 231 -16.35 3.95 4.69
C VAL B 231 -14.86 3.82 4.88
N GLY B 232 -14.42 2.75 5.52
CA GLY B 232 -13.01 2.57 5.79
C GLY B 232 -12.57 2.91 7.21
N THR B 233 -13.28 3.81 7.89
CA THR B 233 -12.98 4.25 9.26
C THR B 233 -12.93 3.18 10.35
N GLY B 234 -13.66 2.09 10.18
CA GLY B 234 -13.63 1.02 11.17
C GLY B 234 -12.34 0.25 10.93
N ASP B 235 -12.01 0.04 9.66
CA ASP B 235 -10.75 -0.64 9.33
C ASP B 235 -9.59 0.19 9.89
N LEU B 236 -9.68 1.51 9.71
CA LEU B 236 -8.68 2.45 10.20
C LEU B 236 -8.63 2.35 11.72
N PHE B 237 -9.80 2.34 12.35
CA PHE B 237 -9.90 2.24 13.81
C PHE B 237 -9.13 1.01 14.29
N ALA B 238 -9.46 -0.17 13.74
CA ALA B 238 -8.78 -1.38 14.16
C ALA B 238 -7.26 -1.31 13.92
N ALA B 239 -6.85 -0.72 12.80
CA ALA B 239 -5.42 -0.63 12.50
C ALA B 239 -4.67 0.23 13.51
N MET B 240 -5.23 1.40 13.83
CA MET B 240 -4.58 2.28 14.79
C MET B 240 -4.61 1.73 16.21
N LEU B 241 -5.67 1.02 16.56
CA LEU B 241 -5.78 0.42 17.89
C LEU B 241 -4.59 -0.52 18.02
N LEU B 242 -4.37 -1.32 16.98
CA LEU B 242 -3.24 -2.24 16.95
C LEU B 242 -1.95 -1.47 17.21
N ALA B 243 -1.78 -0.40 16.45
CA ALA B 243 -0.62 0.47 16.51
C ALA B 243 -0.38 1.11 17.88
N TRP B 244 -1.43 1.68 18.44
CA TRP B 244 -1.29 2.36 19.72
C TRP B 244 -1.24 1.45 20.94
N THR B 245 -1.90 0.30 20.90
CA THR B 245 -1.82 -0.59 22.05
C THR B 245 -0.40 -1.12 22.02
N HIS B 246 0.15 -1.26 20.81
CA HIS B 246 1.52 -1.77 20.67
C HIS B 246 2.54 -0.85 21.35
N LYS B 247 2.30 0.46 21.26
CA LYS B 247 3.17 1.45 21.88
C LYS B 247 2.86 1.64 23.37
N HIS B 248 1.59 1.63 23.72
CA HIS B 248 1.14 1.80 25.10
C HIS B 248 0.37 0.56 25.52
N PRO B 249 1.07 -0.60 25.63
CA PRO B 249 0.49 -1.89 26.01
C PRO B 249 -0.29 -2.00 27.32
N ASN B 250 0.02 -1.15 28.28
CA ASN B 250 -0.69 -1.23 29.55
C ASN B 250 -1.48 0.02 29.77
N ASN B 251 -1.71 0.78 28.72
CA ASN B 251 -2.47 2.00 28.90
C ASN B 251 -3.57 2.10 27.84
N LEU B 252 -4.71 1.47 28.11
CA LEU B 252 -5.83 1.48 27.19
C LEU B 252 -6.34 2.89 26.95
N LYS B 253 -6.35 3.71 28.01
CA LYS B 253 -6.84 5.09 27.89
C LYS B 253 -6.10 5.87 26.80
N VAL B 254 -4.77 5.90 26.90
CA VAL B 254 -3.92 6.60 25.94
C VAL B 254 -4.03 5.98 24.55
N ALA B 255 -4.06 4.65 24.48
CA ALA B 255 -4.14 3.99 23.19
C ALA B 255 -5.39 4.41 22.42
N CYS B 256 -6.54 4.30 23.08
CA CYS B 256 -7.82 4.68 22.49
C CYS B 256 -7.88 6.18 22.17
N GLU B 257 -7.29 7.02 23.03
CA GLU B 257 -7.31 8.45 22.76
C GLU B 257 -6.51 8.76 21.51
N LYS B 258 -5.38 8.08 21.32
CA LYS B 258 -4.60 8.33 20.12
C LYS B 258 -5.35 7.79 18.90
N THR B 259 -5.97 6.63 19.03
CA THR B 259 -6.72 6.05 17.93
C THR B 259 -7.89 6.97 17.54
N VAL B 260 -8.74 7.29 18.51
CA VAL B 260 -9.89 8.15 18.25
C VAL B 260 -9.51 9.54 17.75
N SER B 261 -8.40 10.08 18.23
CA SER B 261 -7.97 11.40 17.75
C SER B 261 -7.47 11.33 16.30
N THR B 262 -6.79 10.25 15.94
CA THR B 262 -6.33 10.10 14.57
C THR B 262 -7.55 10.11 13.64
N LEU B 263 -8.59 9.38 14.02
CA LEU B 263 -9.83 9.36 13.26
C LEU B 263 -10.43 10.78 13.14
N HIS B 264 -10.45 11.51 14.24
CA HIS B 264 -10.99 12.87 14.23
C HIS B 264 -10.31 13.74 13.17
N HIS B 265 -8.98 13.81 13.21
CA HIS B 265 -8.25 14.64 12.26
C HIS B 265 -8.43 14.20 10.80
N VAL B 266 -8.40 12.89 10.55
CA VAL B 266 -8.60 12.38 9.20
C VAL B 266 -9.97 12.80 8.66
N LEU B 267 -11.00 12.63 9.50
CA LEU B 267 -12.39 12.95 9.15
C LEU B 267 -12.68 14.42 9.05
N GLN B 268 -12.01 15.21 9.88
CA GLN B 268 -12.19 16.65 9.86
C GLN B 268 -11.66 17.13 8.52
N ARG B 269 -10.46 16.68 8.16
CA ARG B 269 -9.86 17.06 6.88
C ARG B 269 -10.68 16.53 5.72
N THR B 270 -11.19 15.30 5.85
CA THR B 270 -11.99 14.67 4.81
C THR B 270 -13.29 15.40 4.55
N ILE B 271 -13.97 15.79 5.62
CA ILE B 271 -15.23 16.48 5.42
C ILE B 271 -15.04 17.89 4.87
N GLN B 272 -13.94 18.55 5.22
CA GLN B 272 -13.66 19.90 4.69
C GLN B 272 -13.46 19.82 3.17
N CYS B 273 -12.62 18.89 2.74
CA CYS B 273 -12.35 18.71 1.32
C CYS B 273 -13.58 18.25 0.54
N ALA B 274 -14.48 17.54 1.20
CA ALA B 274 -15.68 17.04 0.55
C ALA B 274 -16.68 18.17 0.31
N LYS B 275 -16.94 18.97 1.33
CA LYS B 275 -17.89 20.07 1.17
C LYS B 275 -17.48 21.00 0.03
N ALA B 276 -16.20 21.36 0.00
CA ALA B 276 -15.71 22.25 -1.04
C ALA B 276 -15.78 21.58 -2.42
N GLN B 277 -15.45 20.30 -2.48
CA GLN B 277 -15.50 19.59 -3.77
C GLN B 277 -16.87 19.65 -4.41
N ALA B 278 -17.93 19.33 -3.68
CA ALA B 278 -19.25 19.41 -4.31
C ALA B 278 -20.20 20.39 -3.69
N GLY B 279 -19.83 21.66 -3.75
CA GLY B 279 -20.67 22.73 -3.25
C GLY B 279 -21.37 22.85 -1.91
N GLU B 280 -21.71 24.13 -1.77
CA GLU B 280 -22.39 24.66 -0.62
C GLU B 280 -23.71 23.97 -0.70
N GLY B 281 -24.10 23.38 0.43
CA GLY B 281 -25.39 22.74 0.52
C GLY B 281 -25.51 21.38 -0.12
N VAL B 282 -24.61 21.06 -1.04
CA VAL B 282 -24.68 19.75 -1.68
C VAL B 282 -24.08 18.69 -0.80
N ARG B 283 -24.80 17.58 -0.66
CA ARG B 283 -24.28 16.52 0.14
C ARG B 283 -23.20 15.87 -0.72
N PRO B 284 -21.98 15.68 -0.16
CA PRO B 284 -20.86 15.07 -0.89
C PRO B 284 -21.18 13.64 -1.33
N SER B 285 -20.61 13.23 -2.44
CA SER B 285 -20.84 11.88 -2.94
C SER B 285 -19.85 10.92 -2.28
N PRO B 286 -20.11 9.60 -2.40
CA PRO B 286 -19.20 8.62 -1.81
C PRO B 286 -17.74 8.89 -2.19
N MET B 287 -17.51 9.27 -3.43
CA MET B 287 -16.17 9.54 -3.91
C MET B 287 -15.56 10.72 -3.15
N GLN B 288 -16.30 11.81 -3.05
CA GLN B 288 -15.77 12.98 -2.36
C GLN B 288 -15.54 12.72 -0.87
N LEU B 289 -16.21 11.70 -0.32
CA LEU B 289 -16.03 11.40 1.09
C LEU B 289 -14.92 10.38 1.35
N GLU B 290 -14.19 10.00 0.31
CA GLU B 290 -13.08 9.07 0.51
C GLU B 290 -12.12 9.71 1.51
N LEU B 291 -11.54 8.89 2.37
CA LEU B 291 -10.65 9.43 3.39
C LEU B 291 -9.39 10.07 2.81
N ARG B 292 -9.07 11.26 3.28
CA ARG B 292 -7.88 11.97 2.85
C ARG B 292 -6.74 11.35 3.65
N MET B 293 -6.40 10.12 3.29
CA MET B 293 -5.36 9.38 3.99
C MET B 293 -3.93 9.94 3.88
N VAL B 294 -3.43 10.15 2.66
CA VAL B 294 -2.06 10.65 2.49
C VAL B 294 -1.89 12.09 2.94
N GLN B 295 -2.95 12.87 2.81
CA GLN B 295 -2.91 14.26 3.24
C GLN B 295 -2.90 14.29 4.77
N SER B 296 -3.06 13.13 5.41
CA SER B 296 -3.11 13.10 6.87
C SER B 296 -1.93 12.45 7.54
N LYS B 297 -0.86 12.30 6.77
CA LYS B 297 0.36 11.67 7.27
C LYS B 297 0.79 12.17 8.65
N ARG B 298 0.87 13.48 8.84
CA ARG B 298 1.31 14.03 10.13
C ARG B 298 0.43 13.65 11.30
N ASP B 299 -0.89 13.72 11.12
CA ASP B 299 -1.80 13.36 12.18
C ASP B 299 -1.64 11.89 12.56
N ILE B 300 -1.33 11.07 11.58
CA ILE B 300 -1.13 9.65 11.86
C ILE B 300 0.16 9.45 12.68
N GLU B 301 1.19 10.23 12.37
CA GLU B 301 2.46 10.12 13.07
C GLU B 301 2.40 10.55 14.53
N ASP B 302 1.78 11.68 14.79
CA ASP B 302 1.68 12.16 16.16
C ASP B 302 0.38 12.90 16.25
N PRO B 303 -0.71 12.16 16.50
CA PRO B 303 -2.04 12.77 16.61
C PRO B 303 -2.17 13.61 17.85
N GLU B 304 -2.58 14.85 17.65
CA GLU B 304 -2.79 15.78 18.75
C GLU B 304 -4.07 15.27 19.39
N ILE B 305 -4.06 15.08 20.70
CA ILE B 305 -5.22 14.58 21.40
C ILE B 305 -6.29 15.65 21.54
N VAL B 306 -7.44 15.43 20.90
CA VAL B 306 -8.52 16.39 20.92
C VAL B 306 -9.68 15.91 21.76
N VAL B 307 -9.57 14.70 22.29
CA VAL B 307 -10.62 14.17 23.12
C VAL B 307 -10.05 13.15 24.09
N GLN B 308 -10.22 13.43 25.37
CA GLN B 308 -9.72 12.53 26.40
C GLN B 308 -10.86 11.63 26.82
N ALA B 309 -10.54 10.38 27.13
CA ALA B 309 -11.53 9.40 27.54
C ALA B 309 -11.85 9.51 29.02
N THR B 310 -13.06 9.13 29.41
CA THR B 310 -13.38 9.15 30.82
C THR B 310 -13.10 7.75 31.34
N VAL B 311 -12.65 7.69 32.59
CA VAL B 311 -12.32 6.42 33.21
C VAL B 311 -13.54 5.67 33.75
N LEU B 312 -13.51 4.36 33.63
CA LEU B 312 -14.58 3.51 34.10
C LEU B 312 -14.00 2.37 34.92
MG MG C . 19.11 -4.11 -13.05
NA NA D . 14.76 0.49 -15.79
MG MG E . 11.21 -4.09 -12.33
PG ATP F . 14.70 -2.49 -14.48
O1G ATP F . 15.27 -3.82 -14.15
O2G ATP F . 14.34 -2.31 -16.03
O3G ATP F . 13.30 -2.20 -13.71
PB ATP F . 17.30 -1.48 -13.90
O1B ATP F . 17.75 -2.88 -13.94
O2B ATP F . 18.15 -0.30 -14.17
O3B ATP F . 15.70 -1.28 -14.10
PA ATP F . 18.30 -1.78 -11.23
O1A ATP F . 17.80 -1.87 -9.85
O2A ATP F . 19.52 -2.46 -11.73
O3A ATP F . 17.19 -1.30 -12.30
O5' ATP F . 18.96 -0.31 -11.10
C5' ATP F . 18.17 0.86 -10.82
C4' ATP F . 18.78 1.68 -9.69
O4' ATP F . 18.83 0.91 -8.48
C3' ATP F . 20.24 2.03 -10.00
O3' ATP F . 20.26 3.26 -10.74
C2' ATP F . 20.76 2.31 -8.60
O2' ATP F . 20.38 3.62 -8.19
C1' ATP F . 20.03 1.26 -7.75
N9 ATP F . 20.79 -0.01 -7.61
C8 ATP F . 20.35 -1.22 -7.94
N7 ATP F . 21.25 -2.13 -7.60
C5 ATP F . 22.29 -1.50 -7.06
C6 ATP F . 23.52 -1.90 -6.54
N6 ATP F . 23.83 -3.19 -6.48
N1 ATP F . 24.37 -0.97 -6.09
C2 ATP F . 24.06 0.31 -6.13
N3 ATP F . 22.91 0.73 -6.61
C4 ATP F . 22.00 -0.14 -7.08
C8 GT0 G . 7.34 -8.13 -10.29
N1 GT0 G . 6.79 -9.42 -10.07
C7 GT0 G . 7.61 -10.50 -9.72
C4 GT0 G . 9.02 -10.32 -9.61
C6 GT0 G . 9.58 -9.02 -9.84
C2 GT0 G . 8.74 -7.92 -10.19
C1 GT0 G . 11.12 -8.85 -9.72
O3 GT0 G . 11.72 -8.62 -11.02
C3 GT0 G . 11.78 -9.84 -11.80
C5 GT0 G . 9.30 -6.51 -10.44
O2 GT0 G . 8.26 -5.57 -10.76
C9 GT0 G . 6.97 -11.86 -9.49
O1 GT0 G . 9.84 -11.39 -9.27
C1 MPD H . 24.87 -3.53 -12.09
C2 MPD H . 23.56 -3.87 -11.37
O2 MPD H . 23.83 -4.82 -10.33
CM MPD H . 22.95 -2.59 -10.79
C3 MPD H . 22.59 -4.51 -12.37
C4 MPD H . 21.50 -5.28 -11.64
O4 MPD H . 20.51 -5.69 -12.58
C5 MPD H . 22.08 -6.53 -10.96
S SO4 I . -11.54 -0.33 -23.20
O1 SO4 I . -11.77 -1.72 -22.74
O2 SO4 I . -10.28 0.17 -22.61
O3 SO4 I . -12.66 0.53 -22.78
O4 SO4 I . -11.42 -0.33 -24.67
S SO4 J . 21.05 -6.20 -29.80
O1 SO4 J . 20.06 -7.19 -30.25
O2 SO4 J . 20.80 -5.87 -28.38
O3 SO4 J . 20.93 -4.98 -30.62
O4 SO4 J . 22.42 -6.73 -29.93
S SO4 K . 1.88 16.50 -4.64
O1 SO4 K . 2.28 16.30 -3.23
O2 SO4 K . 1.39 15.22 -5.19
O3 SO4 K . 3.05 16.93 -5.42
O4 SO4 K . 0.81 17.51 -4.72
O1 GT1 L . 9.54 -10.19 -10.06
C4 GT1 L . 9.63 -8.80 -10.16
C6 GT1 L . 10.84 -8.15 -10.17
C1 GT1 L . 12.01 -8.82 -10.16
O3 GT1 L . 12.36 -8.75 -11.62
C3 GT1 L . 13.54 -9.60 -11.86
C2 GT1 L . 10.94 -6.69 -10.28
C5 GT1 L . 12.33 -6.10 -10.27
O2 GT1 L . 12.53 -4.73 -10.45
C8 GT1 L . 9.76 -6.05 -10.36
N1 GT1 L . 8.54 -6.69 -10.34
C7 GT1 L . 8.52 -8.04 -10.23
C9 GT1 L . 7.13 -8.65 -10.23
P1 GT1 L . 14.04 -4.22 -10.29
O4 GT1 L . 14.37 -4.13 -8.75
O5 GT1 L . 15.07 -5.19 -11.01
O6 GT1 L . 14.19 -2.75 -10.76
MG MG M . -20.57 2.12 11.42
NA NA N . -15.73 -2.01 14.69
MG MG O . -15.08 -2.69 8.14
PG ATP P . -17.09 -1.80 11.80
O1G ATP P . -17.23 -3.13 12.69
O2G ATP P . -15.70 -2.00 10.98
O3G ATP P . -18.23 -1.56 10.90
PB ATP P . -17.94 0.51 13.26
O1B ATP P . -17.83 1.07 14.62
O2B ATP P . -19.16 0.60 12.42
O3B ATP P . -16.85 -0.61 12.86
PA ATP P . -17.66 3.10 12.09
O1A ATP P . -19.07 3.41 12.42
O2A ATP P . -16.88 3.76 11.03
O3A ATP P . -17.09 1.64 12.49
O5' ATP P . -17.01 3.86 13.35
C5' ATP P . -15.63 3.77 13.71
C4' ATP P . -15.10 5.13 14.18
O4' ATP P . -14.94 6.06 13.09
C3' ATP P . -16.07 5.80 15.17
O3' ATP P . -15.79 5.33 16.49
C2' ATP P . -15.57 7.25 15.05
O2' ATP P . -14.36 7.40 15.78
C1' ATP P . -15.33 7.37 13.55
N9 ATP P . -16.55 7.73 12.81
C8 ATP P . -17.14 7.01 11.86
N7 ATP P . -18.19 7.67 11.37
C5 ATP P . -18.27 8.82 12.02
C6 ATP P . -19.13 9.92 11.93
N6 ATP P . -20.15 9.93 11.09
N1 ATP P . -18.91 10.98 12.74
C2 ATP P . -17.90 10.97 13.60
N3 ATP P . -17.08 9.95 13.72
C4 ATP P . -17.23 8.86 12.94
O1 GT1 Q . -16.42 -2.81 1.40
C4 GT1 Q . -15.83 -2.52 2.57
C6 GT1 Q . -16.38 -1.60 3.41
C1 GT1 Q . -17.59 -0.99 3.06
O3 GT1 Q . -18.62 -1.98 3.37
C3 GT1 Q . -19.93 -1.50 3.07
C2 GT1 Q . -15.69 -1.30 4.72
C5 GT1 Q . -16.26 -0.27 5.67
O2 GT1 Q . -15.56 -0.14 6.91
C8 GT1 Q . -14.54 -1.98 4.96
N1 GT1 Q . -14.01 -2.91 4.09
C7 GT1 Q . -14.68 -3.13 2.92
C9 GT1 Q . -14.08 -4.13 2.00
P1 GT1 Q . -16.01 1.01 7.91
O4 GT1 Q . -15.31 0.84 9.29
O5 GT1 Q . -17.60 1.10 8.00
O6 GT1 Q . -15.47 2.39 7.39
C1 MPD R . -4.74 -11.11 31.46
C2 MPD R . -4.85 -12.61 31.19
O2 MPD R . -6.15 -12.89 30.65
CM MPD R . -3.77 -13.03 30.20
C3 MPD R . -4.71 -13.38 32.51
C4 MPD R . -4.84 -14.89 32.31
O4 MPD R . -6.01 -15.21 31.57
C5 MPD R . -3.59 -15.51 31.68
C1 MPD S . -20.82 5.85 13.41
C2 MPD S . -22.34 5.82 13.20
O2 MPD S . -22.84 4.58 13.70
CM MPD S . -22.99 6.97 13.95
C3 MPD S . -22.67 5.92 11.71
C4 MPD S . -22.07 4.76 10.93
O4 MPD S . -22.64 3.53 11.37
C5 MPD S . -22.29 4.93 9.43
C1 MPD T . -19.47 2.38 37.81
C2 MPD T . -18.00 2.05 37.52
O2 MPD T . -17.45 1.27 38.58
CM MPD T . -17.91 1.26 36.21
C3 MPD T . -17.17 3.33 37.39
C4 MPD T . -17.10 4.10 38.72
O4 MPD T . -16.11 5.12 38.60
C5 MPD T . -18.44 4.74 39.08
C1 MPD U . -24.44 8.14 33.75
C2 MPD U . -24.65 7.31 32.49
O2 MPD U . -23.52 6.44 32.28
CM MPD U . -25.92 6.47 32.62
C3 MPD U . -24.77 8.21 31.25
C4 MPD U . -25.92 9.19 31.43
O4 MPD U . -25.47 10.30 32.23
C5 MPD U . -26.46 9.67 30.08
C1 MPD V . -8.21 -16.46 26.20
C2 MPD V . -6.82 -15.94 25.83
O2 MPD V . -5.95 -17.05 25.60
CM MPD V . -6.90 -15.08 24.56
C3 MPD V . -6.26 -15.11 26.99
C4 MPD V . -4.75 -14.95 26.84
O4 MPD V . -4.29 -13.91 27.70
C5 MPD V . -4.05 -16.27 27.22
S SO4 W . -30.07 -9.93 19.22
O1 SO4 W . -30.27 -10.15 20.67
O2 SO4 W . -28.81 -10.59 18.81
O3 SO4 W . -31.19 -10.50 18.47
O4 SO4 W . -29.99 -8.48 18.95
S SO4 X . -2.98 -24.80 6.65
O1 SO4 X . -1.52 -24.84 6.90
O2 SO4 X . -3.66 -25.68 7.62
O3 SO4 X . -3.47 -23.42 6.80
O4 SO4 X . -3.27 -25.28 5.29
S SO4 Y . 8.02 0.27 15.56
O1 SO4 Y . 6.55 0.36 15.51
O2 SO4 Y . 8.46 0.21 16.96
O3 SO4 Y . 8.61 1.45 14.91
O4 SO4 Y . 8.46 -0.95 14.86
C8 GT0 Z . -14.14 -3.46 2.38
N1 GT0 Z . -14.13 -4.03 1.09
C7 GT0 Z . -15.13 -3.70 0.15
C4 GT0 Z . -16.16 -2.80 0.51
C6 GT0 Z . -16.18 -2.23 1.81
C2 GT0 Z . -15.16 -2.56 2.76
C1 GT0 Z . -17.31 -1.25 2.19
O3 GT0 Z . -18.23 -1.88 3.10
C3 GT0 Z . -19.11 -0.91 3.65
C5 GT0 Z . -15.18 -1.93 4.18
O2 GT0 Z . -14.08 -2.39 4.97
C9 GT0 Z . -15.10 -4.31 -1.23
O1 GT0 Z . -17.14 -2.47 -0.40
#